data_3LTF
#
_entry.id   3LTF
#
_cell.length_a   118.208
_cell.length_b   124.239
_cell.length_c   186.508
_cell.angle_alpha   90.00
_cell.angle_beta   90.00
_cell.angle_gamma   90.00
#
_symmetry.space_group_name_H-M   'P 21 21 21'
#
loop_
_entity.id
_entity.type
_entity.pdbx_description
1 polymer 'Epidermal growth factor receptor'
2 polymer 'Protein spitz'
3 branched alpha-D-mannopyranose-(1-4)-alpha-D-mannopyranose-(1-3)-[alpha-D-mannopyranose-(1-6)]alpha-D-mannopyranose-(1-4)-2-acetamido-2-deoxy-beta-D-glucopyranose-(1-4)-2-acetamido-2-deoxy-beta-D-glucopyranose
4 branched 2-acetamido-2-deoxy-beta-D-glucopyranose-(1-4)-2-acetamido-2-deoxy-beta-D-glucopyranose
5 branched alpha-D-mannopyranose-(1-3)-alpha-D-mannopyranose-(1-4)-2-acetamido-2-deoxy-beta-D-glucopyranose-(1-4)-2-acetamido-2-deoxy-beta-D-glucopyranose
6 non-polymer 2-acetamido-2-deoxy-beta-D-glucopyranose
7 non-polymer 'MALONATE ION'
#
loop_
_entity_poly.entity_id
_entity_poly.type
_entity_poly.pdbx_seq_one_letter_code
_entity_poly.pdbx_strand_id
1 'polypeptide(L)'
;HHHHHHKICIGTKSRLSVPSNKEHHYRNLRDRYTNCTYVDGNLELTWLPNENLDLSFLDNIREVTGYILISHVDVKKVVF
PKLQIIRGRTLFSLSVEEEKYALFVTYSKMYTLEIPDLRDVLNGQVGFHNNYNLCHMRTIQWSEIVSNGTDAYYNYDFTA
PERECPKCHESCTHGCWGEGPKNCQKFSKLTCSPQCAGGRCYGPKPRECCHLFCAGGCTGPTQKDCIACKNFFDEGVCKE
ECPPMRKYNPTTYVLETNPEGKYAYGATCVKECPGHLLRDNGACVRSCPQDKMDKGGECVPCNGPCPKTCPGVTVLHAGN
IDSFRNCTVIDGNIRILDQTFSGFQDVYANYTMGPRYIPLDPERLEVFSTVKEITGYLNIEGTHPQFRNLSYFRNLETIH
GRQLMESMFAALAIVKSSLYSLEMRNLKQISSGSVVIQHNRDLCYVSNIRWPAIQKEPEQKVWVNENLRADLCEKNGTIC
SDQCNEDGCWGAGTDQCLNCKNFNFNGTCIADCGYISNAYKFDNRTCKICHPECRTCNGAGADHCQECVHVRDGQHCVSE
CPKNKYNDRGVCRECHATCDGCTGPKDTIGIGACTHHHHHH
;
A,C
2 'polypeptide(L)' TFPTYKCPETFDAWYCLNDAHCFAVKIADLPVYSCECAIGFMGQRCEYKEIDNTYLPK D,B
#
loop_
_chem_comp.id
_chem_comp.type
_chem_comp.name
_chem_comp.formula
MAN D-saccharide, alpha linking alpha-D-mannopyranose 'C6 H12 O6'
MLI non-polymer 'MALONATE ION' 'C3 H2 O4 -2'
NAG D-saccharide, beta linking 2-acetamido-2-deoxy-beta-D-glucopyranose 'C8 H15 N O6'
#
# COMPACT_ATOMS: atom_id res chain seq x y z
N HIS A 4 19.99 0.78 4.02
CA HIS A 4 20.57 0.58 5.38
C HIS A 4 20.31 -0.82 5.92
N HIS A 5 19.67 -0.90 7.08
CA HIS A 5 19.56 -2.14 7.89
C HIS A 5 20.92 -2.59 8.47
N HIS A 6 21.85 -1.62 8.54
CA HIS A 6 23.29 -1.82 8.81
C HIS A 6 24.01 -2.63 7.74
N LYS A 7 24.06 -3.95 7.87
CA LYS A 7 24.63 -4.80 6.82
C LYS A 7 23.86 -6.10 6.63
N ILE A 8 23.20 -6.23 5.49
CA ILE A 8 22.43 -7.41 5.15
C ILE A 8 23.29 -8.42 4.40
N CYS A 9 23.10 -9.70 4.69
CA CYS A 9 23.74 -10.79 3.96
C CYS A 9 22.72 -11.70 3.36
N ILE A 10 23.10 -12.41 2.32
CA ILE A 10 22.28 -13.50 1.85
C ILE A 10 22.87 -14.80 2.39
N GLY A 11 22.03 -15.61 3.01
CA GLY A 11 22.44 -16.90 3.53
C GLY A 11 22.66 -17.88 2.41
N THR A 12 22.85 -19.15 2.76
CA THR A 12 23.02 -20.18 1.75
C THR A 12 21.99 -21.30 1.90
N LYS A 13 21.66 -21.92 0.78
CA LYS A 13 20.68 -23.01 0.73
C LYS A 13 21.39 -24.35 0.69
N SER A 14 22.62 -24.35 0.16
CA SER A 14 23.42 -25.57 -0.03
C SER A 14 23.82 -26.20 1.30
N ARG A 15 23.00 -27.14 1.75
CA ARG A 15 23.07 -27.65 3.11
C ARG A 15 23.76 -29.00 3.18
N LEU A 16 24.58 -29.18 4.21
CA LEU A 16 25.22 -30.48 4.51
C LEU A 16 26.03 -31.04 3.33
N SER A 17 26.39 -30.15 2.40
CA SER A 17 27.13 -30.48 1.19
C SER A 17 28.62 -30.28 1.40
N VAL A 18 29.40 -31.31 1.11
CA VAL A 18 30.84 -31.32 1.39
C VAL A 18 31.67 -30.66 0.26
N PRO A 19 32.53 -29.69 0.63
CA PRO A 19 33.33 -29.00 -0.38
C PRO A 19 34.66 -29.71 -0.66
N SER A 20 35.06 -29.72 -1.94
CA SER A 20 36.29 -30.38 -2.37
C SER A 20 37.54 -29.69 -1.84
N ASN A 21 37.54 -28.36 -1.87
CA ASN A 21 38.66 -27.58 -1.33
C ASN A 21 38.28 -26.79 -0.10
N LYS A 22 38.95 -27.08 1.01
CA LYS A 22 38.63 -26.47 2.29
C LYS A 22 39.08 -25.01 2.42
N GLU A 23 40.18 -24.65 1.74
CA GLU A 23 40.69 -23.28 1.77
C GLU A 23 39.75 -22.35 1.00
N HIS A 24 39.32 -22.77 -0.19
CA HIS A 24 38.33 -22.02 -0.99
C HIS A 24 37.05 -21.80 -0.20
N HIS A 25 36.60 -22.85 0.50
CA HIS A 25 35.36 -22.80 1.26
C HIS A 25 35.40 -21.81 2.42
N TYR A 26 36.51 -21.80 3.16
CA TYR A 26 36.71 -20.83 4.24
C TYR A 26 36.72 -19.43 3.66
N ARG A 27 37.49 -19.23 2.59
CA ARG A 27 37.58 -17.94 1.91
C ARG A 27 36.21 -17.41 1.49
N ASN A 28 35.32 -18.33 1.12
CA ASN A 28 33.95 -17.97 0.75
C ASN A 28 33.10 -17.48 1.92
N LEU A 29 33.12 -18.23 3.01
CA LEU A 29 32.37 -17.85 4.22
C LEU A 29 32.88 -16.54 4.80
N ARG A 30 34.20 -16.34 4.75
CA ARG A 30 34.80 -15.08 5.21
C ARG A 30 34.32 -13.90 4.37
N ASP A 31 34.28 -14.08 3.05
CA ASP A 31 33.80 -13.03 2.14
C ASP A 31 32.32 -12.72 2.35
N ARG A 32 31.52 -13.75 2.59
CA ARG A 32 30.07 -13.61 2.75
C ARG A 32 29.63 -12.92 4.05
N TYR A 33 30.28 -13.26 5.16
CA TYR A 33 29.76 -12.87 6.47
C TYR A 33 30.50 -11.74 7.20
N THR A 34 31.63 -11.27 6.66
CA THR A 34 32.37 -10.19 7.31
C THR A 34 31.55 -8.90 7.33
N ASN A 35 31.64 -8.18 8.45
CA ASN A 35 30.90 -6.92 8.69
C ASN A 35 29.37 -7.09 8.73
N CYS A 36 28.89 -8.31 8.46
CA CYS A 36 27.46 -8.63 8.45
C CYS A 36 26.80 -8.55 9.81
N THR A 37 25.58 -8.02 9.83
CA THR A 37 24.81 -7.91 11.07
C THR A 37 23.52 -8.70 11.03
N TYR A 38 22.93 -8.81 9.84
CA TYR A 38 21.61 -9.39 9.65
C TYR A 38 21.68 -10.34 8.46
N VAL A 39 21.60 -11.64 8.71
CA VAL A 39 21.68 -12.60 7.62
C VAL A 39 20.30 -13.01 7.14
N ASP A 40 19.98 -12.59 5.92
CA ASP A 40 18.72 -12.87 5.27
C ASP A 40 18.85 -14.23 4.59
N GLY A 41 18.34 -15.24 5.27
CA GLY A 41 18.46 -16.63 4.81
C GLY A 41 19.09 -17.48 5.89
N ASN A 42 19.57 -18.66 5.51
CA ASN A 42 20.22 -19.56 6.46
C ASN A 42 21.69 -19.23 6.61
N LEU A 43 22.19 -19.24 7.84
CA LEU A 43 23.62 -19.12 8.08
C LEU A 43 24.15 -20.51 8.37
N GLU A 44 24.75 -21.15 7.36
CA GLU A 44 25.29 -22.50 7.54
C GLU A 44 26.82 -22.55 7.53
N LEU A 45 27.36 -22.96 8.67
CA LEU A 45 28.80 -23.02 8.90
C LEU A 45 29.26 -24.48 8.78
N THR A 46 29.74 -24.86 7.59
CA THR A 46 30.10 -26.25 7.31
C THR A 46 31.58 -26.46 7.01
N TRP A 47 32.04 -27.68 7.29
CA TRP A 47 33.39 -28.16 7.00
C TRP A 47 34.54 -27.19 7.19
N LEU A 48 34.75 -26.79 8.45
CA LEU A 48 35.92 -26.03 8.85
C LEU A 48 36.76 -26.98 9.71
N PRO A 49 37.74 -27.65 9.10
CA PRO A 49 38.49 -28.67 9.84
C PRO A 49 39.67 -28.11 10.62
N ASN A 50 40.25 -27.02 10.13
CA ASN A 50 41.43 -26.43 10.75
C ASN A 50 41.11 -25.63 12.01
N GLU A 51 41.85 -25.93 13.07
CA GLU A 51 41.69 -25.26 14.36
C GLU A 51 42.23 -23.83 14.37
N ASN A 52 43.17 -23.55 13.46
CA ASN A 52 43.81 -22.23 13.36
C ASN A 52 42.93 -21.15 12.70
N LEU A 53 41.90 -21.60 11.98
CA LEU A 53 41.01 -20.69 11.24
C LEU A 53 40.42 -19.60 12.12
N ASP A 54 40.32 -18.40 11.55
CA ASP A 54 39.76 -17.23 12.24
C ASP A 54 38.29 -17.05 11.91
N LEU A 55 37.43 -17.19 12.93
CA LEU A 55 35.99 -17.06 12.76
C LEU A 55 35.45 -15.69 13.17
N SER A 56 36.25 -14.65 12.90
CA SER A 56 35.89 -13.29 13.29
C SER A 56 34.88 -12.64 12.34
N PHE A 57 34.45 -13.37 11.31
CA PHE A 57 33.37 -12.88 10.44
C PHE A 57 31.99 -13.03 11.10
N LEU A 58 31.91 -13.91 12.09
CA LEU A 58 30.69 -14.09 12.89
C LEU A 58 30.55 -13.00 13.95
N ASP A 59 31.54 -12.11 14.02
CA ASP A 59 31.65 -11.12 15.10
C ASP A 59 30.52 -10.10 15.17
N ASN A 60 29.99 -9.69 14.01
CA ASN A 60 28.98 -8.64 13.98
C ASN A 60 27.55 -9.13 13.71
N ILE A 61 27.41 -10.42 13.42
CA ILE A 61 26.10 -11.04 13.18
C ILE A 61 25.21 -10.93 14.43
N ARG A 62 24.01 -10.38 14.24
CA ARG A 62 23.08 -10.11 15.33
C ARG A 62 21.76 -10.87 15.16
N GLU A 63 21.33 -11.07 13.93
CA GLU A 63 20.07 -11.76 13.63
C GLU A 63 20.16 -12.61 12.37
N VAL A 64 19.53 -13.79 12.44
CA VAL A 64 19.45 -14.72 11.31
C VAL A 64 17.97 -15.02 11.03
N THR A 65 17.50 -14.67 9.84
CA THR A 65 16.10 -14.89 9.50
C THR A 65 15.75 -16.37 9.31
N GLY A 66 16.71 -17.14 8.80
CA GLY A 66 16.51 -18.57 8.53
C GLY A 66 16.97 -19.44 9.68
N TYR A 67 17.71 -20.51 9.37
CA TYR A 67 18.26 -21.39 10.40
C TYR A 67 19.79 -21.31 10.48
N ILE A 68 20.34 -21.78 11.60
CA ILE A 68 21.78 -21.90 11.76
C ILE A 68 22.19 -23.37 11.82
N LEU A 69 23.01 -23.77 10.85
CA LEU A 69 23.56 -25.12 10.79
C LEU A 69 25.06 -25.05 11.00
N ILE A 70 25.54 -25.80 12.00
CA ILE A 70 26.98 -25.91 12.28
C ILE A 70 27.36 -27.37 12.14
N SER A 71 28.09 -27.71 11.07
CA SER A 71 28.48 -29.10 10.83
C SER A 71 29.94 -29.25 10.44
N HIS A 72 30.59 -30.25 11.03
CA HIS A 72 32.01 -30.53 10.79
C HIS A 72 32.90 -29.29 11.01
N VAL A 73 32.64 -28.56 12.09
CA VAL A 73 33.50 -27.46 12.47
C VAL A 73 34.40 -27.95 13.61
N ASP A 74 35.69 -27.86 13.40
CA ASP A 74 36.65 -28.45 14.33
C ASP A 74 37.45 -27.41 15.10
N VAL A 75 37.18 -26.12 14.83
CA VAL A 75 37.81 -25.01 15.55
C VAL A 75 37.50 -25.11 17.04
N LYS A 76 38.50 -24.90 17.89
CA LYS A 76 38.36 -25.13 19.33
C LYS A 76 37.24 -24.32 19.99
N LYS A 77 37.11 -23.05 19.58
CA LYS A 77 36.10 -22.14 20.14
C LYS A 77 35.27 -21.46 19.04
N VAL A 78 34.01 -21.86 18.91
CA VAL A 78 33.09 -21.20 17.99
C VAL A 78 32.25 -20.19 18.77
N VAL A 79 32.40 -18.92 18.41
CA VAL A 79 31.79 -17.82 19.18
C VAL A 79 30.94 -16.87 18.33
N PHE A 80 29.66 -16.75 18.69
CA PHE A 80 28.78 -15.75 18.08
C PHE A 80 28.59 -14.62 19.08
N PRO A 81 29.49 -13.60 19.05
CA PRO A 81 29.52 -12.55 20.07
C PRO A 81 28.22 -11.72 20.16
N LYS A 82 27.60 -11.43 19.02
CA LYS A 82 26.48 -10.48 19.02
C LYS A 82 25.11 -11.05 18.61
N LEU A 83 25.08 -12.28 18.09
CA LEU A 83 23.81 -12.94 17.72
C LEU A 83 22.82 -13.02 18.88
N GLN A 84 21.60 -12.55 18.66
CA GLN A 84 20.54 -12.64 19.67
C GLN A 84 19.23 -13.29 19.23
N ILE A 85 18.99 -13.34 17.93
CA ILE A 85 17.72 -13.83 17.39
C ILE A 85 17.90 -14.77 16.21
N ILE A 86 17.27 -15.93 16.28
CA ILE A 86 17.13 -16.82 15.13
C ILE A 86 15.64 -16.95 14.83
N ARG A 87 15.20 -16.42 13.69
CA ARG A 87 13.78 -16.36 13.38
C ARG A 87 13.19 -17.71 12.97
N GLY A 88 13.98 -18.51 12.26
CA GLY A 88 13.54 -19.83 11.80
C GLY A 88 12.36 -19.78 10.85
N ARG A 89 12.34 -18.80 9.95
CA ARG A 89 11.30 -18.70 8.93
C ARG A 89 11.40 -19.87 7.94
N THR A 90 12.63 -20.29 7.67
CA THR A 90 12.90 -21.55 7.00
C THR A 90 13.70 -22.41 7.98
N LEU A 91 13.42 -23.71 8.01
CA LEU A 91 14.03 -24.60 9.00
C LEU A 91 14.78 -25.77 8.37
N PHE A 92 15.84 -26.20 9.03
CA PHE A 92 16.64 -27.32 8.55
C PHE A 92 16.15 -28.63 9.14
N SER A 93 15.84 -29.58 8.28
CA SER A 93 15.48 -30.94 8.69
C SER A 93 16.04 -31.96 7.72
N LEU A 94 16.32 -33.16 8.23
CA LEU A 94 16.88 -34.23 7.41
C LEU A 94 15.80 -35.01 6.67
N SER A 95 16.23 -35.89 5.77
CA SER A 95 15.31 -36.69 4.95
C SER A 95 14.69 -37.83 5.76
N GLU A 98 12.35 -36.32 10.28
CA GLU A 98 11.14 -35.50 10.26
C GLU A 98 11.34 -34.15 10.96
N GLU A 99 11.79 -34.18 12.21
CA GLU A 99 11.98 -32.99 13.07
C GLU A 99 12.73 -31.82 12.40
N LYS A 100 12.25 -30.60 12.64
CA LYS A 100 12.76 -29.39 11.97
C LYS A 100 13.47 -28.44 12.93
N TYR A 101 14.66 -28.00 12.53
CA TYR A 101 15.56 -27.26 13.42
C TYR A 101 15.85 -25.83 12.98
N ALA A 102 15.95 -24.93 13.95
CA ALA A 102 16.42 -23.57 13.71
C ALA A 102 17.89 -23.48 14.08
N LEU A 103 18.31 -24.30 15.04
CA LEU A 103 19.72 -24.46 15.39
C LEU A 103 20.08 -25.93 15.42
N PHE A 104 21.06 -26.32 14.61
CA PHE A 104 21.43 -27.71 14.44
C PHE A 104 22.95 -27.87 14.35
N VAL A 105 23.51 -28.67 15.25
CA VAL A 105 24.96 -28.85 15.34
C VAL A 105 25.35 -30.34 15.30
N THR A 106 26.05 -30.74 14.24
CA THR A 106 26.46 -32.13 14.06
C THR A 106 27.94 -32.29 13.73
N TYR A 107 28.49 -33.43 14.14
CA TYR A 107 29.83 -33.87 13.76
C TYR A 107 30.93 -32.82 13.90
N SER A 108 30.76 -31.93 14.88
CA SER A 108 31.71 -30.85 15.10
C SER A 108 32.56 -31.13 16.34
N LYS A 109 33.84 -30.81 16.23
CA LYS A 109 34.81 -31.16 17.25
C LYS A 109 35.25 -29.97 18.10
N MET A 110 34.42 -28.93 18.13
CA MET A 110 34.73 -27.76 18.93
C MET A 110 34.58 -28.07 20.41
N TYR A 111 35.43 -27.45 21.22
CA TYR A 111 35.39 -27.63 22.67
C TYR A 111 34.26 -26.83 23.29
N THR A 112 33.96 -25.68 22.68
CA THR A 112 32.93 -24.77 23.19
C THR A 112 32.21 -24.01 22.07
N LEU A 113 30.88 -23.96 22.16
CA LEU A 113 30.05 -23.14 21.28
C LEU A 113 29.43 -22.02 22.09
N GLU A 114 29.89 -20.79 21.85
CA GLU A 114 29.52 -19.66 22.71
C GLU A 114 28.62 -18.63 22.02
N ILE A 115 27.34 -18.64 22.40
CA ILE A 115 26.40 -17.64 21.92
C ILE A 115 25.86 -16.90 23.14
N PRO A 116 26.70 -16.05 23.76
CA PRO A 116 26.42 -15.53 25.10
C PRO A 116 25.20 -14.62 25.17
N ASP A 117 24.70 -14.22 24.01
CA ASP A 117 23.66 -13.21 23.92
C ASP A 117 22.47 -13.70 23.09
N LEU A 118 22.31 -15.01 22.98
CA LEU A 118 21.15 -15.57 22.27
C LEU A 118 19.93 -15.57 23.18
N ARG A 119 18.98 -14.70 22.86
CA ARG A 119 17.82 -14.50 23.72
C ARG A 119 16.58 -15.29 23.28
N ASP A 120 16.34 -15.37 21.97
CA ASP A 120 15.11 -15.98 21.45
C ASP A 120 15.28 -16.71 20.12
N VAL A 121 14.77 -17.94 20.07
CA VAL A 121 14.64 -18.70 18.83
C VAL A 121 13.15 -18.78 18.48
N LEU A 122 12.72 -17.93 17.55
CA LEU A 122 11.30 -17.69 17.26
C LEU A 122 10.50 -18.83 16.66
N ASN A 123 11.16 -19.69 15.88
CA ASN A 123 10.50 -20.86 15.30
C ASN A 123 11.44 -22.04 15.19
N GLY A 124 10.89 -23.25 15.28
CA GLY A 124 11.66 -24.47 15.18
C GLY A 124 12.41 -24.83 16.44
N GLN A 125 13.13 -25.95 16.38
CA GLN A 125 13.77 -26.52 17.55
C GLN A 125 15.28 -26.36 17.54
N VAL A 126 15.92 -26.71 18.65
CA VAL A 126 17.37 -26.76 18.75
C VAL A 126 17.80 -28.22 18.79
N GLY A 127 18.88 -28.56 18.09
CA GLY A 127 19.35 -29.93 18.01
C GLY A 127 20.85 -30.07 18.05
N PHE A 128 21.34 -30.97 18.91
CA PHE A 128 22.76 -31.30 18.96
C PHE A 128 22.95 -32.79 18.71
N HIS A 129 23.95 -33.14 17.91
CA HIS A 129 24.19 -34.53 17.57
C HIS A 129 25.68 -34.76 17.25
N ASN A 130 26.27 -35.74 17.92
CA ASN A 130 27.65 -36.18 17.67
C ASN A 130 28.74 -35.12 17.81
N ASN A 131 28.67 -34.33 18.87
CA ASN A 131 29.69 -33.32 19.14
C ASN A 131 30.45 -33.70 20.41
N TYR A 132 31.59 -34.37 20.24
CA TYR A 132 32.27 -35.08 21.33
C TYR A 132 33.01 -34.21 22.33
N ASN A 133 33.53 -33.06 21.87
CA ASN A 133 34.25 -32.13 22.74
C ASN A 133 33.35 -31.01 23.25
N LEU A 134 32.25 -30.76 22.55
CA LEU A 134 31.30 -29.71 22.88
C LEU A 134 30.78 -29.87 24.30
N CYS A 135 30.63 -28.77 25.00
CA CYS A 135 30.19 -28.82 26.39
C CYS A 135 29.26 -27.67 26.79
N HIS A 136 28.75 -27.75 28.03
CA HIS A 136 27.90 -26.71 28.64
C HIS A 136 26.48 -26.64 28.07
N MET A 137 26.26 -27.28 26.94
CA MET A 137 24.96 -27.22 26.25
C MET A 137 23.82 -27.77 27.09
N ARG A 138 24.14 -28.65 28.03
CA ARG A 138 23.15 -29.26 28.90
C ARG A 138 22.81 -28.37 30.09
N THR A 139 23.67 -27.39 30.36
CA THR A 139 23.42 -26.42 31.43
C THR A 139 22.57 -25.25 30.97
N ILE A 140 22.11 -25.29 29.71
CA ILE A 140 21.48 -24.13 29.08
C ILE A 140 20.02 -23.90 29.43
N GLN A 141 19.20 -24.96 29.42
CA GLN A 141 17.77 -24.81 29.70
C GLN A 141 17.12 -24.04 28.54
N TRP A 142 16.84 -24.78 27.47
CA TRP A 142 16.41 -24.21 26.20
C TRP A 142 14.96 -23.75 26.18
N SER A 143 14.20 -24.13 27.22
CA SER A 143 12.80 -23.71 27.36
C SER A 143 12.68 -22.19 27.39
N GLU A 144 13.71 -21.54 27.93
CA GLU A 144 13.81 -20.09 27.97
C GLU A 144 13.99 -19.49 26.58
N ILE A 145 14.90 -20.04 25.80
CA ILE A 145 15.29 -19.49 24.51
C ILE A 145 14.28 -19.81 23.40
N VAL A 146 13.80 -21.06 23.38
CA VAL A 146 12.88 -21.51 22.34
C VAL A 146 11.48 -20.90 22.54
N SER A 147 10.96 -20.32 21.45
CA SER A 147 9.69 -19.57 21.44
C SER A 147 8.51 -20.37 21.95
N ASN A 148 8.34 -21.58 21.40
CA ASN A 148 7.21 -22.44 21.78
C ASN A 148 7.07 -22.62 23.30
N GLY A 149 8.21 -22.79 23.96
CA GLY A 149 8.26 -23.04 25.40
C GLY A 149 8.50 -24.51 25.65
N THR A 150 9.47 -25.08 24.94
CA THR A 150 9.70 -26.52 24.92
C THR A 150 11.17 -26.89 25.22
N ASP A 151 11.34 -28.02 25.92
CA ASP A 151 12.66 -28.58 26.19
C ASP A 151 13.24 -29.21 24.91
N ALA A 152 14.28 -28.59 24.36
CA ALA A 152 14.87 -29.04 23.09
C ALA A 152 16.19 -29.79 23.31
N TYR A 153 16.59 -30.58 22.30
CA TYR A 153 17.81 -31.39 22.35
C TYR A 153 19.08 -30.54 22.43
N ALA A 160 25.80 -35.30 26.19
CA ALA A 160 26.92 -35.82 26.97
C ALA A 160 28.25 -35.64 26.24
N PRO A 161 29.26 -35.04 26.92
CA PRO A 161 30.60 -34.91 26.38
C PRO A 161 31.60 -35.94 26.92
N GLU A 162 32.77 -36.02 26.28
CA GLU A 162 33.82 -36.96 26.69
C GLU A 162 34.79 -36.33 27.71
N ARG A 163 35.08 -35.04 27.53
CA ARG A 163 36.04 -34.33 28.36
C ARG A 163 35.51 -33.96 29.76
N GLU A 164 36.42 -33.52 30.62
CA GLU A 164 36.06 -32.94 31.91
C GLU A 164 35.77 -31.47 31.68
N CYS A 165 34.61 -31.01 32.16
CA CYS A 165 34.12 -29.68 31.83
C CYS A 165 34.12 -28.69 32.99
N PRO A 166 34.69 -27.49 32.77
CA PRO A 166 34.80 -26.46 33.80
C PRO A 166 33.42 -26.02 34.29
N LYS A 167 33.26 -25.93 35.61
CA LYS A 167 32.02 -25.44 36.20
C LYS A 167 31.71 -24.03 35.69
N CYS A 168 30.43 -23.70 35.57
CA CYS A 168 30.02 -22.36 35.18
C CYS A 168 30.55 -21.34 36.17
N HIS A 169 30.85 -20.14 35.69
CA HIS A 169 31.29 -19.04 36.54
C HIS A 169 30.28 -18.78 37.67
N GLU A 170 30.80 -18.42 38.85
CA GLU A 170 29.96 -18.18 40.04
C GLU A 170 28.82 -17.19 39.83
N SER A 171 29.05 -16.18 39.00
CA SER A 171 28.05 -15.17 38.65
C SER A 171 26.77 -15.80 38.08
N CYS A 172 26.95 -16.82 37.24
CA CYS A 172 25.86 -17.46 36.51
C CYS A 172 24.81 -18.07 37.44
N THR A 173 23.57 -17.63 37.27
CA THR A 173 22.46 -18.01 38.14
C THR A 173 22.01 -19.43 37.90
N HIS A 174 21.99 -19.85 36.64
CA HIS A 174 21.55 -21.19 36.27
C HIS A 174 22.50 -21.88 35.28
N GLY A 175 22.82 -21.20 34.19
CA GLY A 175 23.62 -21.81 33.13
C GLY A 175 24.61 -20.91 32.43
N CYS A 176 25.49 -21.52 31.66
CA CYS A 176 26.53 -20.80 30.93
C CYS A 176 26.84 -21.43 29.57
N TRP A 177 27.25 -20.60 28.62
CA TRP A 177 27.61 -21.05 27.28
C TRP A 177 29.06 -21.48 27.22
N GLY A 178 29.87 -20.87 28.08
CA GLY A 178 31.29 -21.18 28.16
C GLY A 178 31.88 -20.76 29.49
N GLU A 179 33.18 -20.49 29.48
CA GLU A 179 33.89 -20.07 30.67
C GLU A 179 33.81 -18.55 30.85
N GLY A 180 33.78 -18.10 32.09
CA GLY A 180 33.74 -16.67 32.40
C GLY A 180 32.35 -16.17 32.75
N PRO A 181 32.26 -14.93 33.26
CA PRO A 181 31.00 -14.31 33.70
C PRO A 181 30.22 -13.65 32.58
N LYS A 182 30.86 -13.47 31.43
CA LYS A 182 30.23 -12.86 30.26
C LYS A 182 29.55 -13.93 29.42
N ASN A 183 29.65 -15.18 29.87
CA ASN A 183 29.04 -16.34 29.21
C ASN A 183 27.88 -16.94 29.98
N CYS A 184 27.41 -16.25 31.03
CA CYS A 184 26.23 -16.69 31.77
C CYS A 184 25.00 -16.54 30.90
N GLN A 185 24.08 -17.48 31.01
CA GLN A 185 22.82 -17.39 30.25
C GLN A 185 21.85 -16.44 30.93
N LYS A 186 21.34 -15.50 30.14
CA LYS A 186 20.41 -14.49 30.62
C LYS A 186 18.97 -15.01 30.49
N PHE A 187 18.09 -14.54 31.39
CA PHE A 187 16.72 -15.03 31.45
C PHE A 187 15.69 -13.91 31.36
N SER A 188 14.75 -14.05 30.42
CA SER A 188 13.70 -13.07 30.23
C SER A 188 12.32 -13.68 30.40
N LYS A 189 12.22 -15.00 30.21
CA LYS A 189 10.93 -15.67 30.22
C LYS A 189 10.63 -16.37 31.54
N LEU A 190 11.59 -17.16 32.03
CA LEU A 190 11.33 -18.04 33.17
C LEU A 190 11.40 -17.34 34.53
N THR A 191 12.15 -16.23 34.61
CA THR A 191 12.29 -15.49 35.88
C THR A 191 11.24 -14.39 36.03
N CYS A 192 10.02 -14.67 35.58
CA CYS A 192 8.98 -13.65 35.56
C CYS A 192 7.89 -13.91 36.59
N SER A 193 7.18 -12.85 36.96
CA SER A 193 6.01 -12.96 37.79
C SER A 193 4.89 -13.56 36.96
N PRO A 194 4.07 -14.45 37.56
CA PRO A 194 2.95 -15.05 36.84
C PRO A 194 2.05 -13.99 36.21
N GLN A 195 2.08 -12.78 36.79
CA GLN A 195 1.24 -11.66 36.37
C GLN A 195 1.41 -11.26 34.91
N CYS A 196 2.32 -11.91 34.20
CA CYS A 196 2.46 -11.69 32.75
C CYS A 196 2.71 -12.94 31.93
N ALA A 197 1.84 -13.93 32.09
CA ALA A 197 1.84 -15.12 31.24
C ALA A 197 1.66 -14.72 29.78
N GLY A 198 2.54 -15.25 28.93
CA GLY A 198 2.57 -14.90 27.51
C GLY A 198 3.36 -13.63 27.25
N GLY A 199 4.59 -13.58 27.76
CA GLY A 199 5.48 -12.43 27.60
C GLY A 199 6.80 -12.61 28.30
N ARG A 200 7.68 -11.63 28.17
CA ARG A 200 9.02 -11.69 28.76
C ARG A 200 9.32 -10.42 29.58
N CYS A 201 9.92 -10.60 30.74
CA CYS A 201 10.16 -9.51 31.68
C CYS A 201 11.61 -9.06 31.75
N TYR A 202 11.83 -7.78 32.06
CA TYR A 202 13.18 -7.27 32.29
C TYR A 202 13.59 -7.36 33.77
N GLY A 203 12.63 -7.75 34.62
CA GLY A 203 12.86 -7.99 36.03
C GLY A 203 11.85 -8.95 36.63
N PRO A 204 12.11 -9.45 37.86
CA PRO A 204 11.23 -10.45 38.49
C PRO A 204 9.92 -9.91 39.08
N LYS A 205 9.86 -8.60 39.35
CA LYS A 205 8.68 -7.96 39.94
C LYS A 205 7.48 -7.91 38.97
N PRO A 206 6.24 -7.88 39.52
CA PRO A 206 5.04 -8.01 38.68
C PRO A 206 4.77 -6.88 37.69
N ARG A 207 5.32 -5.69 37.96
CA ARG A 207 5.13 -4.55 37.07
C ARG A 207 6.21 -4.50 35.98
N GLU A 208 7.27 -5.28 36.17
CA GLU A 208 8.45 -5.23 35.31
C GLU A 208 8.33 -6.08 34.05
N CYS A 209 7.09 -6.38 33.64
CA CYS A 209 6.84 -7.18 32.45
C CYS A 209 7.06 -6.36 31.18
N CYS A 210 7.02 -7.03 30.02
CA CYS A 210 7.29 -6.36 28.75
C CYS A 210 6.14 -6.41 27.76
N HIS A 211 6.23 -5.53 26.75
CA HIS A 211 5.20 -5.45 25.74
C HIS A 211 5.07 -6.78 25.01
N LEU A 212 3.84 -7.15 24.68
CA LEU A 212 3.56 -8.43 24.04
C LEU A 212 4.20 -8.54 22.66
N PHE A 213 4.66 -7.42 22.12
CA PHE A 213 5.30 -7.42 20.82
C PHE A 213 6.75 -7.85 20.89
N CYS A 214 7.36 -7.75 22.07
CA CYS A 214 8.79 -8.07 22.23
C CYS A 214 9.15 -9.53 21.95
N ALA A 215 10.37 -9.73 21.48
CA ALA A 215 10.95 -11.04 21.27
C ALA A 215 12.30 -11.10 21.98
N GLY A 216 12.52 -12.14 22.78
CA GLY A 216 13.76 -12.30 23.52
C GLY A 216 13.75 -11.47 24.79
N GLY A 217 14.47 -10.36 24.78
CA GLY A 217 14.47 -9.45 25.92
C GLY A 217 13.75 -8.14 25.68
N CYS A 218 14.16 -7.11 26.43
CA CYS A 218 13.52 -5.78 26.45
C CYS A 218 14.02 -4.95 27.64
N THR A 219 14.05 -3.63 27.45
CA THR A 219 14.60 -2.69 28.44
C THR A 219 13.54 -2.06 29.36
N GLY A 220 12.44 -1.61 28.76
CA GLY A 220 11.31 -1.05 29.50
C GLY A 220 10.01 -1.72 29.10
N PRO A 221 8.87 -1.10 29.47
CA PRO A 221 7.56 -1.71 29.24
C PRO A 221 6.94 -1.44 27.88
N THR A 222 7.48 -0.50 27.11
CA THR A 222 6.88 -0.11 25.83
C THR A 222 7.37 -0.95 24.66
N GLN A 223 6.66 -0.87 23.53
CA GLN A 223 7.06 -1.52 22.28
C GLN A 223 8.28 -0.86 21.64
N LYS A 224 8.71 0.26 22.21
CA LYS A 224 9.92 0.97 21.78
C LYS A 224 11.15 0.45 22.53
N ASP A 225 10.94 -0.53 23.42
CA ASP A 225 11.95 -1.00 24.35
C ASP A 225 12.40 -2.44 24.15
N CYS A 226 11.81 -3.14 23.18
CA CYS A 226 12.13 -4.53 22.90
C CYS A 226 13.54 -4.69 22.34
N ILE A 227 14.12 -5.87 22.54
CA ILE A 227 15.36 -6.25 21.87
C ILE A 227 15.05 -6.57 20.40
N ALA A 228 14.02 -7.38 20.19
CA ALA A 228 13.55 -7.71 18.85
C ALA A 228 12.03 -7.78 18.84
N CYS A 229 11.44 -7.73 17.65
CA CYS A 229 9.99 -7.70 17.52
C CYS A 229 9.42 -9.04 17.05
N LYS A 230 8.42 -9.51 17.78
CA LYS A 230 7.73 -10.75 17.43
C LYS A 230 6.91 -10.57 16.16
N ASN A 231 6.58 -9.31 15.84
CA ASN A 231 5.93 -8.94 14.58
C ASN A 231 6.84 -8.09 13.69
N PHE A 232 6.41 -6.88 13.34
CA PHE A 232 7.17 -6.02 12.45
C PHE A 232 8.08 -5.07 13.21
N PHE A 233 9.30 -4.91 12.72
CA PHE A 233 10.29 -4.01 13.33
C PHE A 233 10.47 -2.78 12.45
N ASP A 234 9.94 -1.64 12.89
CA ASP A 234 10.09 -0.39 12.16
C ASP A 234 11.00 0.58 12.89
N GLU A 235 12.29 0.52 12.54
CA GLU A 235 13.29 1.46 13.02
C GLU A 235 13.31 1.56 14.55
N GLY A 236 13.26 0.40 15.20
CA GLY A 236 13.33 0.32 16.67
C GLY A 236 12.00 0.10 17.38
N VAL A 237 10.90 0.26 16.66
CA VAL A 237 9.58 0.14 17.25
C VAL A 237 8.90 -1.12 16.71
N CYS A 238 8.17 -1.82 17.57
CA CYS A 238 7.42 -2.99 17.13
C CYS A 238 5.97 -2.61 16.88
N LYS A 239 5.43 -3.06 15.74
CA LYS A 239 4.03 -2.79 15.41
C LYS A 239 3.41 -3.94 14.65
N GLU A 240 2.08 -4.07 14.78
CA GLU A 240 1.34 -5.12 14.11
C GLU A 240 1.55 -5.07 12.62
N GLU A 241 1.54 -3.86 12.08
CA GLU A 241 1.68 -3.66 10.65
C GLU A 241 2.61 -2.51 10.29
N CYS A 242 3.15 -2.61 9.09
CA CYS A 242 4.06 -1.65 8.55
C CYS A 242 3.24 -0.48 8.01
N PRO A 243 3.70 0.78 8.23
CA PRO A 243 2.94 1.94 7.74
C PRO A 243 2.77 1.85 6.23
N PRO A 244 1.50 1.79 5.75
CA PRO A 244 1.23 1.53 4.34
C PRO A 244 1.73 2.68 3.47
N MET A 245 2.16 2.35 2.25
CA MET A 245 2.56 3.36 1.28
C MET A 245 1.36 4.15 0.77
N ARG A 246 0.20 3.50 0.80
CA ARG A 246 -1.05 4.16 0.47
C ARG A 246 -2.06 3.89 1.57
N LYS A 247 -2.53 4.95 2.24
CA LYS A 247 -3.52 4.80 3.29
C LYS A 247 -4.88 5.39 2.91
N TYR A 248 -5.91 4.56 3.08
CA TYR A 248 -7.29 4.89 2.74
C TYR A 248 -7.89 5.90 3.71
N ASN A 249 -8.64 6.86 3.16
CA ASN A 249 -9.24 7.91 3.94
C ASN A 249 -10.75 7.68 4.07
N PRO A 250 -11.22 7.26 5.27
CA PRO A 250 -12.64 6.99 5.52
C PRO A 250 -13.59 8.16 5.25
N THR A 251 -13.09 9.39 5.38
CA THR A 251 -13.93 10.58 5.23
C THR A 251 -14.09 10.99 3.76
N THR A 252 -12.99 11.00 3.02
CA THR A 252 -13.00 11.45 1.64
C THR A 252 -13.19 10.31 0.65
N TYR A 253 -13.25 9.08 1.16
CA TYR A 253 -13.38 7.85 0.36
C TYR A 253 -12.37 7.77 -0.78
N VAL A 254 -11.11 8.10 -0.48
CA VAL A 254 -10.05 8.09 -1.45
C VAL A 254 -8.79 7.44 -0.88
N LEU A 255 -8.10 6.64 -1.69
CA LEU A 255 -6.90 5.95 -1.26
C LEU A 255 -5.68 6.85 -1.42
N GLU A 256 -5.41 7.66 -0.40
CA GLU A 256 -4.34 8.65 -0.44
C GLU A 256 -2.96 8.02 -0.36
N THR A 257 -1.97 8.75 -0.89
CA THR A 257 -0.57 8.33 -0.84
C THR A 257 0.05 8.76 0.50
N ASN A 258 0.68 7.82 1.20
CA ASN A 258 1.14 8.05 2.57
C ASN A 258 2.57 8.59 2.66
N PRO A 259 2.74 9.84 3.13
CA PRO A 259 4.07 10.45 3.26
C PRO A 259 4.97 9.71 4.27
N GLU A 260 4.35 9.12 5.29
CA GLU A 260 5.08 8.37 6.31
C GLU A 260 5.18 6.87 5.98
N GLY A 261 4.87 6.53 4.72
CA GLY A 261 4.84 5.14 4.28
C GLY A 261 6.19 4.46 4.20
N LYS A 262 6.20 3.16 4.49
CA LYS A 262 7.40 2.34 4.39
C LYS A 262 7.08 1.00 3.72
N TYR A 263 8.08 0.40 3.10
CA TYR A 263 7.94 -0.90 2.47
C TYR A 263 8.19 -2.00 3.49
N ALA A 264 7.42 -3.08 3.38
CA ALA A 264 7.62 -4.24 4.24
C ALA A 264 8.66 -5.21 3.64
N TYR A 265 9.70 -5.50 4.41
CA TYR A 265 10.77 -6.41 3.98
C TYR A 265 10.96 -7.47 5.06
N GLY A 266 10.30 -8.61 4.87
CA GLY A 266 10.25 -9.66 5.88
C GLY A 266 9.49 -9.18 7.09
N ALA A 267 10.14 -9.22 8.25
CA ALA A 267 9.56 -8.66 9.47
C ALA A 267 10.16 -7.28 9.76
N THR A 268 10.68 -6.63 8.71
CA THR A 268 11.30 -5.32 8.82
C THR A 268 10.51 -4.30 8.02
N CYS A 269 10.52 -3.05 8.50
CA CYS A 269 9.95 -1.94 7.79
C CYS A 269 11.05 -1.02 7.31
N VAL A 270 11.14 -0.81 5.99
CA VAL A 270 12.24 -0.07 5.39
C VAL A 270 11.79 0.99 4.39
N LYS A 271 12.54 2.09 4.30
CA LYS A 271 12.23 3.19 3.39
C LYS A 271 12.55 2.83 1.93
N GLU A 272 13.79 2.41 1.68
CA GLU A 272 14.16 1.83 0.39
C GLU A 272 14.29 0.32 0.53
N CYS A 273 14.46 -0.39 -0.57
CA CYS A 273 14.56 -1.84 -0.50
C CYS A 273 15.87 -2.43 -1.00
N PRO A 274 16.31 -3.54 -0.36
CA PRO A 274 17.57 -4.17 -0.73
C PRO A 274 17.62 -4.50 -2.22
N GLY A 275 18.78 -4.28 -2.83
CA GLY A 275 18.99 -4.47 -4.26
C GLY A 275 18.55 -5.80 -4.83
N HIS A 276 18.41 -6.81 -3.97
CA HIS A 276 18.00 -8.13 -4.43
C HIS A 276 16.47 -8.30 -4.51
N LEU A 277 15.73 -7.25 -4.17
CA LEU A 277 14.27 -7.28 -4.19
C LEU A 277 13.65 -6.09 -4.93
N LEU A 278 12.45 -6.30 -5.43
CA LEU A 278 11.68 -5.26 -6.11
C LEU A 278 10.54 -4.81 -5.22
N ARG A 279 10.31 -3.51 -5.18
CA ARG A 279 9.17 -2.98 -4.44
C ARG A 279 7.91 -3.04 -5.29
N ASP A 280 6.84 -3.54 -4.67
CA ASP A 280 5.58 -3.79 -5.35
C ASP A 280 4.45 -3.69 -4.33
N ASN A 281 3.66 -2.63 -4.46
CA ASN A 281 2.46 -2.41 -3.64
C ASN A 281 2.73 -2.37 -2.13
N GLY A 282 3.70 -1.56 -1.74
CA GLY A 282 4.02 -1.40 -0.31
C GLY A 282 4.79 -2.54 0.33
N ALA A 283 5.16 -3.52 -0.47
CA ALA A 283 5.93 -4.66 0.01
C ALA A 283 7.15 -4.90 -0.88
N CYS A 284 8.09 -5.68 -0.37
CA CYS A 284 9.31 -5.99 -1.12
C CYS A 284 9.48 -7.45 -1.49
N VAL A 285 9.21 -7.71 -2.76
CA VAL A 285 9.10 -9.06 -3.31
C VAL A 285 10.27 -9.38 -4.24
N ARG A 286 10.65 -10.65 -4.34
CA ARG A 286 11.77 -11.01 -5.21
C ARG A 286 11.38 -11.13 -6.67
N SER A 287 10.17 -11.62 -6.91
CA SER A 287 9.63 -11.72 -8.25
C SER A 287 8.52 -10.70 -8.48
N CYS A 288 8.23 -10.47 -9.75
CA CYS A 288 7.26 -9.48 -10.18
C CYS A 288 6.03 -10.20 -10.72
N PRO A 289 4.82 -9.65 -10.46
CA PRO A 289 3.56 -10.28 -10.90
C PRO A 289 3.47 -10.48 -12.41
N GLN A 290 2.55 -11.34 -12.84
CA GLN A 290 2.36 -11.65 -14.26
C GLN A 290 1.88 -10.43 -15.05
N ASP A 291 1.09 -9.58 -14.41
CA ASP A 291 0.58 -8.36 -15.04
C ASP A 291 1.44 -7.13 -14.73
N LYS A 292 2.68 -7.35 -14.28
CA LYS A 292 3.55 -6.25 -13.88
C LYS A 292 4.98 -6.32 -14.45
N MET A 293 5.57 -5.14 -14.62
CA MET A 293 6.85 -4.95 -15.31
C MET A 293 7.90 -4.48 -14.31
N ASP A 294 9.09 -5.07 -14.38
CA ASP A 294 10.22 -4.58 -13.60
C ASP A 294 10.79 -3.32 -14.27
N LYS A 295 10.87 -2.23 -13.52
CA LYS A 295 11.40 -0.97 -14.03
C LYS A 295 11.96 -0.09 -12.93
N GLY A 296 13.29 0.01 -12.88
CA GLY A 296 13.97 0.82 -11.88
C GLY A 296 13.87 0.25 -10.48
N GLY A 297 13.80 -1.07 -10.39
CA GLY A 297 13.70 -1.76 -9.11
C GLY A 297 12.31 -1.76 -8.51
N GLU A 298 11.32 -1.30 -9.29
CA GLU A 298 9.93 -1.30 -8.86
C GLU A 298 9.05 -2.04 -9.87
N CYS A 299 8.11 -2.83 -9.35
CA CYS A 299 7.13 -3.49 -10.19
C CYS A 299 6.08 -2.48 -10.66
N VAL A 300 6.20 -2.07 -11.93
CA VAL A 300 5.35 -1.07 -12.57
C VAL A 300 4.41 -1.77 -13.56
N PRO A 301 3.25 -1.16 -13.87
CA PRO A 301 2.41 -1.71 -14.94
C PRO A 301 3.06 -1.61 -16.33
N CYS A 302 3.04 -2.73 -17.05
CA CYS A 302 3.59 -2.82 -18.41
C CYS A 302 2.64 -2.21 -19.44
N ASN A 303 3.17 -1.34 -20.30
CA ASN A 303 2.36 -0.66 -21.31
C ASN A 303 1.95 -1.61 -22.44
N GLY A 304 0.71 -2.09 -22.36
CA GLY A 304 0.18 -3.08 -23.29
C GLY A 304 0.32 -4.49 -22.73
N PRO A 305 0.70 -5.47 -23.59
CA PRO A 305 0.94 -6.82 -23.09
C PRO A 305 2.27 -6.90 -22.34
N CYS A 306 2.28 -7.65 -21.24
CA CYS A 306 3.50 -7.83 -20.46
C CYS A 306 4.51 -8.73 -21.17
N PRO A 307 5.77 -8.30 -21.22
CA PRO A 307 6.86 -9.10 -21.80
C PRO A 307 6.95 -10.48 -21.17
N LYS A 308 6.96 -11.52 -22.02
CA LYS A 308 6.94 -12.92 -21.55
C LYS A 308 8.08 -13.24 -20.57
N THR A 309 7.71 -13.35 -19.29
CA THR A 309 8.64 -13.70 -18.24
C THR A 309 8.40 -15.16 -17.84
N CYS A 310 9.40 -15.99 -18.08
CA CYS A 310 9.38 -17.39 -17.66
C CYS A 310 10.42 -17.61 -16.56
N PRO A 311 10.22 -18.62 -15.71
CA PRO A 311 11.15 -18.83 -14.60
C PRO A 311 12.46 -19.46 -15.04
N GLY A 312 13.53 -19.16 -14.31
CA GLY A 312 14.84 -19.76 -14.54
C GLY A 312 14.88 -21.19 -14.04
N VAL A 313 16.00 -21.86 -14.27
CA VAL A 313 16.16 -23.26 -13.87
C VAL A 313 17.52 -23.50 -13.21
N THR A 314 17.57 -24.46 -12.29
CA THR A 314 18.79 -24.77 -11.55
C THR A 314 19.87 -25.33 -12.46
N VAL A 315 19.49 -26.19 -13.40
CA VAL A 315 20.39 -26.75 -14.41
C VAL A 315 19.59 -26.87 -15.70
N LEU A 316 20.17 -26.43 -16.81
CA LEU A 316 19.51 -26.54 -18.11
C LEU A 316 19.63 -27.95 -18.67
N HIS A 317 18.52 -28.48 -19.18
CA HIS A 317 18.45 -29.81 -19.79
C HIS A 317 17.33 -29.88 -20.85
N ALA A 318 17.18 -31.06 -21.46
CA ALA A 318 16.16 -31.30 -22.49
C ALA A 318 14.73 -31.11 -22.01
N GLY A 319 14.49 -31.40 -20.73
CA GLY A 319 13.16 -31.30 -20.14
C GLY A 319 12.63 -29.89 -19.99
N ASN A 320 13.55 -28.93 -19.84
CA ASN A 320 13.16 -27.55 -19.57
C ASN A 320 13.57 -26.53 -20.62
N ILE A 321 14.39 -26.94 -21.59
CA ILE A 321 14.83 -26.01 -22.65
C ILE A 321 13.65 -25.44 -23.47
N ASP A 322 12.65 -26.27 -23.74
CA ASP A 322 11.47 -25.83 -24.48
C ASP A 322 10.67 -24.75 -23.76
N SER A 323 10.70 -24.77 -22.44
CA SER A 323 9.95 -23.83 -21.62
C SER A 323 10.44 -22.37 -21.75
N PHE A 324 11.57 -22.17 -22.42
CA PHE A 324 12.11 -20.83 -22.62
C PHE A 324 11.75 -20.22 -23.97
N ARG A 325 10.91 -20.91 -24.75
CA ARG A 325 10.49 -20.43 -26.07
C ARG A 325 9.76 -19.10 -26.00
N ASN A 326 10.20 -18.15 -26.82
CA ASN A 326 9.65 -16.78 -26.87
C ASN A 326 9.82 -15.92 -25.62
N CYS A 327 10.68 -16.35 -24.70
CA CYS A 327 10.92 -15.59 -23.46
C CYS A 327 11.73 -14.36 -23.70
N THR A 328 11.25 -13.23 -23.19
CA THR A 328 11.96 -11.98 -23.34
C THR A 328 12.70 -11.60 -22.04
N VAL A 329 12.23 -12.16 -20.93
CA VAL A 329 12.90 -12.00 -19.62
C VAL A 329 12.95 -13.34 -18.89
N ILE A 330 14.12 -13.68 -18.35
CA ILE A 330 14.29 -14.89 -17.56
C ILE A 330 14.39 -14.52 -16.08
N ASP A 331 13.36 -14.86 -15.30
CA ASP A 331 13.39 -14.64 -13.86
C ASP A 331 13.97 -15.85 -13.13
N GLY A 332 15.28 -15.80 -12.91
CA GLY A 332 16.03 -16.89 -12.31
C GLY A 332 17.45 -16.89 -12.83
N ASN A 333 18.10 -18.06 -12.77
CA ASN A 333 19.46 -18.22 -13.27
C ASN A 333 19.52 -19.22 -14.41
N ILE A 334 20.59 -19.16 -15.20
CA ILE A 334 20.85 -20.18 -16.20
C ILE A 334 22.21 -20.81 -15.94
N ARG A 335 22.20 -22.12 -15.68
CA ARG A 335 23.41 -22.90 -15.57
C ARG A 335 23.50 -23.82 -16.78
N ILE A 336 24.53 -23.66 -17.58
CA ILE A 336 24.80 -24.55 -18.69
C ILE A 336 26.05 -25.33 -18.36
N LEU A 337 25.87 -26.63 -18.10
CA LEU A 337 26.96 -27.49 -17.66
C LEU A 337 27.24 -28.57 -18.71
N ASP A 338 28.29 -29.37 -18.49
CA ASP A 338 28.59 -30.52 -19.35
C ASP A 338 27.34 -31.40 -19.45
N GLN A 339 26.62 -31.47 -18.32
CA GLN A 339 25.38 -32.24 -18.18
C GLN A 339 24.27 -31.75 -19.10
N THR A 340 24.27 -30.46 -19.42
CA THR A 340 23.29 -29.87 -20.33
C THR A 340 23.34 -30.55 -21.70
N PHE A 341 24.56 -30.82 -22.18
CA PHE A 341 24.77 -31.43 -23.48
C PHE A 341 24.84 -32.95 -23.40
N SER A 342 25.41 -33.45 -22.30
CA SER A 342 25.55 -34.88 -22.07
C SER A 342 24.22 -35.53 -21.72
N GLY A 343 23.35 -34.77 -21.07
CA GLY A 343 22.14 -35.33 -20.46
C GLY A 343 22.53 -36.01 -19.16
N PHE A 344 21.66 -35.97 -18.17
CA PHE A 344 21.99 -36.51 -16.85
C PHE A 344 20.81 -37.16 -16.13
N GLN A 345 21.12 -37.97 -15.11
CA GLN A 345 20.10 -38.61 -14.30
C GLN A 345 19.67 -37.71 -13.14
N ASP A 346 18.46 -37.17 -13.24
CA ASP A 346 17.92 -36.27 -12.21
C ASP A 346 17.56 -37.04 -10.93
N VAL A 347 17.29 -36.29 -9.87
CA VAL A 347 16.94 -36.85 -8.57
C VAL A 347 15.97 -35.91 -7.84
N TYR A 348 15.12 -36.48 -6.99
CA TYR A 348 14.27 -35.68 -6.11
C TYR A 348 14.78 -35.73 -4.68
N ALA A 349 14.40 -34.74 -3.87
CA ALA A 349 14.76 -34.67 -2.45
C ALA A 349 14.35 -35.94 -1.68
N ASN A 350 13.33 -36.63 -2.18
CA ASN A 350 12.93 -37.93 -1.67
C ASN A 350 14.08 -38.97 -1.69
N TYR A 351 15.12 -38.65 -2.45
CA TYR A 351 16.24 -39.57 -2.79
C TYR A 351 15.88 -40.51 -3.93
N THR A 352 14.65 -40.38 -4.43
CA THR A 352 14.14 -41.23 -5.50
C THR A 352 14.67 -40.78 -6.85
N MET A 353 15.00 -41.77 -7.68
CA MET A 353 15.52 -41.54 -9.03
C MET A 353 14.54 -40.73 -9.88
N GLY A 354 15.06 -39.73 -10.57
CA GLY A 354 14.23 -38.89 -11.46
C GLY A 354 14.41 -39.28 -12.92
N PRO A 355 13.89 -38.44 -13.84
CA PRO A 355 14.01 -38.72 -15.28
C PRO A 355 15.41 -38.52 -15.84
N ARG A 356 15.76 -39.34 -16.84
CA ARG A 356 17.00 -39.16 -17.60
C ARG A 356 16.71 -38.27 -18.81
N TYR A 357 17.43 -37.15 -18.91
CA TYR A 357 17.20 -36.20 -19.99
C TYR A 357 18.02 -36.56 -21.22
N ILE A 358 17.32 -36.73 -22.34
CA ILE A 358 17.94 -37.00 -23.64
C ILE A 358 19.01 -35.93 -23.97
N PRO A 359 20.25 -36.38 -24.26
CA PRO A 359 21.31 -35.45 -24.62
C PRO A 359 20.84 -34.45 -25.67
N LEU A 360 21.26 -33.19 -25.54
CA LEU A 360 20.92 -32.18 -26.54
C LEU A 360 22.16 -31.46 -27.05
N ASP A 361 22.13 -31.06 -28.31
CA ASP A 361 23.25 -30.35 -28.91
C ASP A 361 23.05 -28.84 -28.83
N PRO A 362 24.17 -28.08 -28.87
CA PRO A 362 24.19 -26.63 -28.71
C PRO A 362 23.25 -25.85 -29.61
N GLU A 363 22.93 -26.38 -30.79
CA GLU A 363 22.02 -25.67 -31.72
C GLU A 363 20.67 -25.39 -31.08
N ARG A 364 20.27 -26.25 -30.15
CA ARG A 364 19.02 -26.10 -29.41
C ARG A 364 19.01 -24.86 -28.51
N LEU A 365 20.19 -24.29 -28.26
CA LEU A 365 20.28 -23.10 -27.41
C LEU A 365 19.82 -21.82 -28.11
N GLU A 366 19.42 -21.93 -29.37
CA GLU A 366 18.88 -20.77 -30.10
C GLU A 366 17.53 -20.30 -29.56
N VAL A 367 17.05 -20.99 -28.52
CA VAL A 367 15.81 -20.67 -27.84
C VAL A 367 15.94 -19.34 -27.09
N PHE A 368 17.15 -19.09 -26.58
CA PHE A 368 17.43 -17.90 -25.80
C PHE A 368 17.63 -16.65 -26.66
N SER A 369 17.25 -16.77 -27.93
CA SER A 369 17.41 -15.70 -28.90
C SER A 369 16.53 -14.49 -28.59
N THR A 370 15.35 -14.76 -28.04
CA THR A 370 14.40 -13.70 -27.72
C THR A 370 14.68 -13.03 -26.37
N VAL A 371 15.57 -13.64 -25.58
CA VAL A 371 15.87 -13.20 -24.21
C VAL A 371 16.66 -11.89 -24.15
N LYS A 372 16.14 -10.94 -23.38
CA LYS A 372 16.77 -9.63 -23.19
C LYS A 372 17.35 -9.41 -21.79
N GLU A 373 16.73 -10.01 -20.77
CA GLU A 373 17.16 -9.83 -19.38
C GLU A 373 17.15 -11.13 -18.60
N ILE A 374 18.18 -11.30 -17.76
CA ILE A 374 18.24 -12.39 -16.79
C ILE A 374 18.35 -11.77 -15.40
N THR A 375 17.37 -12.04 -14.54
CA THR A 375 17.29 -11.39 -13.22
C THR A 375 18.28 -11.95 -12.21
N GLY A 376 18.67 -13.20 -12.40
CA GLY A 376 19.68 -13.83 -11.54
C GLY A 376 21.06 -13.76 -12.17
N TYR A 377 21.80 -14.87 -12.08
CA TYR A 377 23.12 -14.93 -12.70
C TYR A 377 23.14 -15.82 -13.92
N LEU A 378 24.07 -15.55 -14.83
CA LEU A 378 24.34 -16.42 -15.98
C LEU A 378 25.62 -17.20 -15.76
N ASN A 379 25.50 -18.52 -15.77
CA ASN A 379 26.64 -19.40 -15.51
C ASN A 379 26.85 -20.41 -16.65
N ILE A 380 28.08 -20.45 -17.16
CA ILE A 380 28.41 -21.33 -18.28
C ILE A 380 29.68 -22.11 -17.96
N GLU A 381 29.51 -23.40 -17.73
CA GLU A 381 30.66 -24.29 -17.51
C GLU A 381 30.62 -25.53 -18.41
N GLY A 382 29.79 -25.47 -19.44
CA GLY A 382 29.60 -26.59 -20.35
C GLY A 382 30.60 -26.70 -21.47
N THR A 383 30.98 -27.94 -21.81
CA THR A 383 31.89 -28.21 -22.91
C THR A 383 31.26 -29.13 -23.94
N HIS A 384 31.40 -28.74 -25.21
CA HIS A 384 30.96 -29.52 -26.36
C HIS A 384 31.73 -29.00 -27.57
N PRO A 385 32.10 -29.89 -28.50
CA PRO A 385 32.86 -29.47 -29.70
C PRO A 385 32.18 -28.37 -30.52
N GLN A 386 30.85 -28.41 -30.61
CA GLN A 386 30.08 -27.45 -31.40
C GLN A 386 29.63 -26.20 -30.62
N PHE A 387 29.76 -26.25 -29.30
CA PHE A 387 29.37 -25.15 -28.42
C PHE A 387 30.51 -24.14 -28.30
N ARG A 388 30.63 -23.26 -29.28
CA ARG A 388 31.81 -22.39 -29.44
C ARG A 388 31.62 -20.94 -29.02
N ASN A 389 30.67 -20.26 -29.64
CA ASN A 389 30.33 -18.90 -29.21
C ASN A 389 29.11 -18.91 -28.31
N LEU A 390 28.72 -17.73 -27.84
CA LEU A 390 27.60 -17.57 -26.93
C LEU A 390 26.63 -16.56 -27.53
N SER A 391 26.47 -16.65 -28.84
CA SER A 391 25.65 -15.73 -29.63
C SER A 391 24.15 -15.99 -29.44
N TYR A 392 23.82 -17.09 -28.77
CA TYR A 392 22.44 -17.42 -28.47
C TYR A 392 21.84 -16.34 -27.58
N PHE A 393 22.69 -15.66 -26.83
CA PHE A 393 22.29 -14.53 -25.99
C PHE A 393 22.70 -13.20 -26.63
N ARG A 394 22.62 -13.14 -27.97
CA ARG A 394 22.98 -11.92 -28.73
C ARG A 394 21.99 -10.78 -28.54
N ASN A 395 20.83 -11.08 -27.97
CA ASN A 395 19.83 -10.06 -27.66
C ASN A 395 19.70 -9.77 -26.17
N LEU A 396 20.52 -10.45 -25.37
CA LEU A 396 20.63 -10.18 -23.93
C LEU A 396 21.24 -8.80 -23.70
N GLU A 397 20.51 -7.98 -22.94
CA GLU A 397 20.90 -6.60 -22.66
C GLU A 397 21.48 -6.44 -21.25
N THR A 398 20.76 -6.94 -20.25
CA THR A 398 21.22 -6.83 -18.87
C THR A 398 21.11 -8.13 -18.07
N ILE A 399 22.10 -8.35 -17.21
CA ILE A 399 22.06 -9.39 -16.20
C ILE A 399 21.99 -8.68 -14.86
N HIS A 400 20.81 -8.73 -14.25
CA HIS A 400 20.65 -8.20 -12.90
C HIS A 400 21.28 -9.19 -11.93
N GLY A 401 22.04 -8.69 -10.96
CA GLY A 401 22.67 -9.60 -10.01
C GLY A 401 21.83 -9.83 -8.78
N ARG A 402 20.50 -9.93 -8.97
CA ARG A 402 19.56 -10.01 -7.85
C ARG A 402 19.78 -11.27 -7.01
N GLN A 403 20.17 -12.34 -7.69
CA GLN A 403 20.74 -13.47 -7.03
C GLN A 403 22.12 -13.69 -7.62
N LEU A 404 23.04 -14.23 -6.81
CA LEU A 404 24.43 -14.41 -7.22
C LEU A 404 24.94 -15.82 -6.88
N MET A 405 26.00 -16.25 -7.55
CA MET A 405 26.63 -17.53 -7.25
C MET A 405 27.26 -17.51 -5.87
N GLU A 406 27.42 -18.70 -5.28
CA GLU A 406 27.93 -18.82 -3.91
C GLU A 406 29.37 -18.34 -3.72
N SER A 407 30.19 -18.45 -4.77
CA SER A 407 31.58 -18.01 -4.70
C SER A 407 31.85 -16.76 -5.52
N MET A 408 32.58 -15.82 -4.92
CA MET A 408 32.94 -14.51 -5.52
C MET A 408 31.77 -13.61 -5.90
N PHE A 409 30.57 -13.92 -5.43
CA PHE A 409 29.37 -13.13 -5.73
C PHE A 409 29.22 -12.87 -7.23
N ALA A 410 29.37 -13.93 -8.01
CA ALA A 410 29.41 -13.83 -9.45
C ALA A 410 28.02 -13.72 -10.08
N ALA A 411 27.87 -12.73 -10.96
CA ALA A 411 26.68 -12.57 -11.78
C ALA A 411 26.91 -13.20 -13.15
N LEU A 412 28.17 -13.16 -13.60
CA LEU A 412 28.58 -13.81 -14.83
C LEU A 412 29.80 -14.68 -14.56
N ALA A 413 29.60 -15.99 -14.59
CA ALA A 413 30.68 -16.93 -14.33
C ALA A 413 30.85 -17.93 -15.48
N ILE A 414 31.89 -17.72 -16.27
CA ILE A 414 32.25 -18.64 -17.36
C ILE A 414 33.50 -19.38 -16.92
N VAL A 415 33.34 -20.64 -16.54
CA VAL A 415 34.42 -21.42 -15.95
C VAL A 415 34.51 -22.76 -16.67
N LYS A 416 35.72 -23.12 -17.12
CA LYS A 416 35.98 -24.43 -17.75
C LYS A 416 35.00 -24.77 -18.90
N SER A 417 34.72 -23.78 -19.74
CA SER A 417 33.83 -23.95 -20.88
C SER A 417 34.63 -24.15 -22.15
N SER A 418 33.97 -24.69 -23.17
CA SER A 418 34.60 -24.92 -24.47
C SER A 418 34.24 -23.79 -25.42
N LEU A 419 34.42 -22.56 -24.97
CA LEU A 419 34.05 -21.39 -25.74
C LEU A 419 35.24 -20.81 -26.46
N TYR A 420 34.99 -20.22 -27.63
CA TYR A 420 36.03 -19.55 -28.41
C TYR A 420 35.83 -18.03 -28.41
N SER A 421 34.57 -17.61 -28.24
CA SER A 421 34.24 -16.19 -28.11
C SER A 421 32.92 -16.01 -27.38
N LEU A 422 32.68 -14.82 -26.86
CA LEU A 422 31.40 -14.52 -26.23
C LEU A 422 30.33 -14.25 -27.27
N GLU A 423 30.56 -13.24 -28.12
CA GLU A 423 29.66 -12.91 -29.23
C GLU A 423 28.28 -12.38 -28.79
N MET A 424 28.12 -12.06 -27.51
CA MET A 424 26.88 -11.43 -27.05
C MET A 424 27.01 -9.92 -26.94
N ARG A 425 26.86 -9.25 -28.08
CA ARG A 425 26.71 -7.80 -28.11
C ARG A 425 25.40 -7.46 -27.44
N ASN A 426 25.03 -6.17 -27.44
CA ASN A 426 23.82 -5.70 -26.73
C ASN A 426 23.89 -5.82 -25.20
N LEU A 427 24.75 -6.71 -24.68
CA LEU A 427 24.99 -6.81 -23.24
C LEU A 427 25.68 -5.54 -22.75
N LYS A 428 24.85 -4.59 -22.34
CA LYS A 428 25.29 -3.27 -21.92
C LYS A 428 25.53 -3.17 -20.41
N GLN A 429 24.85 -4.01 -19.63
CA GLN A 429 24.90 -3.87 -18.17
C GLN A 429 24.79 -5.16 -17.36
N ILE A 430 25.78 -5.37 -16.50
CA ILE A 430 25.67 -6.34 -15.42
C ILE A 430 25.54 -5.48 -14.18
N SER A 431 24.32 -5.38 -13.64
CA SER A 431 24.08 -4.56 -12.45
C SER A 431 24.10 -5.42 -11.19
N SER A 432 24.91 -5.00 -10.22
CA SER A 432 24.97 -5.66 -8.91
C SER A 432 25.51 -7.10 -8.96
N GLY A 433 26.69 -7.29 -9.52
CA GLY A 433 27.37 -8.58 -9.46
C GLY A 433 28.85 -8.48 -9.72
N SER A 434 29.54 -9.62 -9.67
CA SER A 434 30.94 -9.66 -10.13
C SER A 434 31.04 -10.60 -11.33
N VAL A 435 32.03 -10.38 -12.18
CA VAL A 435 32.25 -11.28 -13.31
C VAL A 435 33.50 -12.13 -13.09
N VAL A 436 33.32 -13.44 -13.17
CA VAL A 436 34.41 -14.40 -13.04
C VAL A 436 34.51 -15.19 -14.34
N ILE A 437 35.63 -15.01 -15.05
CA ILE A 437 35.91 -15.78 -16.26
C ILE A 437 37.28 -16.43 -16.10
N GLN A 438 37.29 -17.73 -15.83
CA GLN A 438 38.53 -18.44 -15.60
C GLN A 438 38.61 -19.83 -16.23
N HIS A 439 39.83 -20.24 -16.54
CA HIS A 439 40.18 -21.55 -17.11
C HIS A 439 39.32 -21.97 -18.32
N ASN A 440 39.21 -21.07 -19.30
CA ASN A 440 38.61 -21.46 -20.57
C ASN A 440 39.71 -21.60 -21.60
N ARG A 441 40.11 -22.85 -21.84
CA ARG A 441 41.30 -23.17 -22.65
C ARG A 441 41.41 -22.42 -23.97
N ASP A 442 40.26 -22.19 -24.62
CA ASP A 442 40.22 -21.59 -25.96
C ASP A 442 39.47 -20.27 -26.02
N LEU A 443 38.95 -19.78 -24.89
CA LEU A 443 38.26 -18.49 -24.86
C LEU A 443 39.26 -17.39 -25.11
N CYS A 444 38.85 -16.44 -25.94
CA CYS A 444 39.78 -15.49 -26.50
C CYS A 444 39.59 -14.07 -25.98
N TYR A 445 38.50 -13.42 -26.37
CA TYR A 445 38.35 -11.97 -26.21
C TYR A 445 38.23 -11.43 -24.77
N VAL A 446 37.79 -12.30 -23.85
CA VAL A 446 37.59 -11.96 -22.42
C VAL A 446 38.71 -11.16 -21.75
N SER A 447 39.95 -11.44 -22.15
CA SER A 447 41.13 -10.80 -21.57
C SER A 447 41.16 -9.29 -21.85
N ASN A 448 40.61 -8.89 -23.00
CA ASN A 448 40.70 -7.51 -23.48
C ASN A 448 39.45 -6.64 -23.26
N ILE A 449 38.34 -7.27 -22.91
CA ILE A 449 37.13 -6.55 -22.53
C ILE A 449 37.38 -5.88 -21.18
N ARG A 450 37.20 -4.56 -21.10
CA ARG A 450 37.21 -3.90 -19.80
C ARG A 450 35.81 -3.89 -19.20
N TRP A 451 35.60 -4.82 -18.27
CA TRP A 451 34.28 -5.14 -17.71
C TRP A 451 33.61 -4.05 -16.85
N PRO A 452 34.40 -3.15 -16.22
CA PRO A 452 33.79 -2.01 -15.54
C PRO A 452 32.84 -1.20 -16.43
N ALA A 453 33.11 -1.18 -17.73
CA ALA A 453 32.26 -0.46 -18.69
C ALA A 453 30.83 -1.01 -18.72
N ILE A 454 30.71 -2.32 -18.56
CA ILE A 454 29.41 -3.00 -18.49
C ILE A 454 28.83 -2.90 -17.09
N GLN A 455 29.68 -3.07 -16.09
CA GLN A 455 29.25 -3.07 -14.69
C GLN A 455 28.78 -1.69 -14.23
N LYS A 456 27.83 -1.70 -13.28
CA LYS A 456 27.14 -0.50 -12.85
C LYS A 456 27.87 0.28 -11.75
N GLU A 457 28.56 -0.45 -10.87
CA GLU A 457 29.24 0.15 -9.72
C GLU A 457 30.72 -0.24 -9.69
N PRO A 458 31.62 0.74 -9.55
CA PRO A 458 33.07 0.46 -9.56
C PRO A 458 33.49 -0.56 -8.50
N GLU A 459 32.72 -0.63 -7.41
CA GLU A 459 32.96 -1.59 -6.33
C GLU A 459 32.75 -3.05 -6.74
N GLN A 460 31.96 -3.26 -7.81
CA GLN A 460 31.81 -4.59 -8.41
C GLN A 460 33.17 -5.05 -8.92
N LYS A 461 33.50 -6.31 -8.66
CA LYS A 461 34.83 -6.84 -8.99
C LYS A 461 34.83 -7.69 -10.25
N VAL A 462 35.99 -7.83 -10.89
CA VAL A 462 36.14 -8.77 -12.02
C VAL A 462 37.34 -9.69 -11.81
N TRP A 463 37.20 -10.95 -12.20
CA TRP A 463 38.28 -11.91 -12.16
C TRP A 463 38.40 -12.57 -13.53
N VAL A 464 39.48 -12.23 -14.23
CA VAL A 464 39.74 -12.82 -15.54
C VAL A 464 41.11 -13.49 -15.47
N ASN A 465 41.10 -14.82 -15.33
CA ASN A 465 42.32 -15.62 -15.12
C ASN A 465 42.30 -16.96 -15.88
N GLU A 466 43.49 -17.43 -16.26
CA GLU A 466 43.68 -18.80 -16.81
C GLU A 466 43.07 -19.10 -18.19
N ASN A 467 42.68 -18.06 -18.94
CA ASN A 467 42.06 -18.28 -20.25
C ASN A 467 43.08 -18.59 -21.33
N LEU A 468 42.76 -18.34 -22.59
CA LEU A 468 43.75 -18.44 -23.66
C LEU A 468 44.51 -17.12 -23.71
N ARG A 469 45.83 -17.21 -23.74
CA ARG A 469 46.72 -16.06 -23.85
C ARG A 469 46.24 -14.99 -24.82
N ALA A 470 46.41 -13.73 -24.44
CA ALA A 470 46.09 -12.61 -25.32
C ALA A 470 47.04 -12.56 -26.51
N ASP A 471 48.26 -13.06 -26.31
CA ASP A 471 49.27 -13.12 -27.34
C ASP A 471 48.99 -14.22 -28.35
N LEU A 472 48.50 -15.35 -27.87
CA LEU A 472 48.14 -16.47 -28.75
C LEU A 472 46.91 -16.14 -29.57
N CYS A 473 46.06 -15.28 -29.01
CA CYS A 473 44.88 -14.76 -29.69
C CYS A 473 45.29 -13.77 -30.78
N GLU A 474 46.34 -12.99 -30.51
CA GLU A 474 46.90 -12.07 -31.49
C GLU A 474 47.50 -12.82 -32.67
N LYS A 475 48.34 -13.80 -32.38
CA LYS A 475 49.00 -14.62 -33.38
C LYS A 475 47.98 -15.25 -34.34
N ASN A 476 46.83 -15.66 -33.79
CA ASN A 476 45.72 -16.18 -34.59
C ASN A 476 44.92 -15.13 -35.32
N GLY A 477 44.99 -13.89 -34.84
CA GLY A 477 44.27 -12.78 -35.45
C GLY A 477 42.90 -12.53 -34.84
N THR A 478 42.44 -13.45 -34.00
CA THR A 478 41.17 -13.29 -33.28
C THR A 478 41.28 -12.17 -32.24
N ILE A 479 41.32 -10.93 -32.73
CA ILE A 479 41.38 -9.76 -31.88
C ILE A 479 40.21 -8.84 -32.21
N CYS A 480 40.15 -7.69 -31.53
CA CYS A 480 39.09 -6.73 -31.80
C CYS A 480 39.34 -5.97 -33.09
N SER A 481 38.25 -5.69 -33.80
CA SER A 481 38.31 -4.92 -35.02
C SER A 481 38.96 -3.57 -34.76
N ASP A 482 39.71 -3.09 -35.74
CA ASP A 482 40.38 -1.79 -35.66
C ASP A 482 39.40 -0.62 -35.56
N GLN A 483 38.12 -0.94 -35.30
CA GLN A 483 37.07 0.06 -35.17
C GLN A 483 36.57 0.25 -33.73
N CYS A 484 36.91 -0.68 -32.84
CA CYS A 484 36.54 -0.58 -31.43
C CYS A 484 37.53 0.30 -30.67
N ASN A 485 37.04 0.99 -29.65
CA ASN A 485 37.91 1.72 -28.73
C ASN A 485 38.63 0.76 -27.77
N GLU A 486 39.33 1.33 -26.78
CA GLU A 486 40.10 0.54 -25.82
C GLU A 486 39.23 -0.35 -24.90
N ASP A 487 37.91 -0.20 -24.97
CA ASP A 487 36.99 -0.98 -24.14
C ASP A 487 36.96 -2.47 -24.47
N GLY A 488 37.14 -2.80 -25.75
CA GLY A 488 37.18 -4.19 -26.17
C GLY A 488 36.02 -4.61 -27.05
N CYS A 489 35.88 -5.92 -27.25
CA CYS A 489 34.81 -6.48 -28.08
C CYS A 489 34.47 -7.91 -27.67
N TRP A 490 33.27 -8.35 -28.04
CA TRP A 490 32.76 -9.67 -27.69
C TRP A 490 33.22 -10.77 -28.64
N GLY A 491 33.81 -10.37 -29.77
CA GLY A 491 34.21 -11.30 -30.82
C GLY A 491 34.80 -10.60 -32.01
N ALA A 492 35.20 -11.39 -33.01
CA ALA A 492 35.93 -10.90 -34.18
C ALA A 492 35.20 -9.79 -34.95
N GLY A 493 33.88 -9.92 -35.05
CA GLY A 493 33.04 -9.07 -35.90
C GLY A 493 33.17 -7.57 -35.75
N THR A 494 32.56 -6.85 -36.68
CA THR A 494 32.57 -5.39 -36.70
C THR A 494 31.40 -4.82 -35.88
N ASP A 495 30.43 -5.68 -35.57
CA ASP A 495 29.25 -5.31 -34.79
C ASP A 495 29.40 -5.67 -33.31
N GLN A 496 30.59 -6.13 -32.94
CA GLN A 496 30.81 -6.75 -31.65
C GLN A 496 31.56 -5.87 -30.63
N CYS A 497 31.98 -4.69 -31.08
CA CYS A 497 32.69 -3.75 -30.21
C CYS A 497 31.82 -3.30 -29.05
N LEU A 498 32.41 -3.19 -27.86
CA LEU A 498 31.74 -2.64 -26.68
C LEU A 498 31.30 -1.22 -26.96
N ASN A 499 32.29 -0.38 -27.29
CA ASN A 499 32.07 0.98 -27.75
C ASN A 499 32.95 1.20 -28.97
N CYS A 500 32.63 2.21 -29.76
CA CYS A 500 33.39 2.48 -30.97
C CYS A 500 34.11 3.81 -30.93
N LYS A 501 35.39 3.80 -31.33
CA LYS A 501 36.22 5.00 -31.24
C LYS A 501 35.92 6.03 -32.32
N ASN A 502 35.30 5.57 -33.41
CA ASN A 502 34.87 6.45 -34.48
C ASN A 502 33.35 6.52 -34.59
N PHE A 503 32.81 6.37 -35.80
CA PHE A 503 31.38 6.44 -36.04
C PHE A 503 30.66 5.12 -35.78
N ASN A 504 29.45 5.20 -35.21
CA ASN A 504 28.62 4.03 -34.95
C ASN A 504 27.35 4.05 -35.79
N PHE A 505 27.17 3.02 -36.62
CA PHE A 505 26.03 2.94 -37.53
C PHE A 505 25.31 1.60 -37.42
N ASN A 506 24.04 1.65 -37.03
CA ASN A 506 23.21 0.45 -36.80
C ASN A 506 23.75 -0.35 -35.62
N GLY A 507 24.13 -1.61 -35.87
CA GLY A 507 24.80 -2.42 -34.85
C GLY A 507 26.31 -2.47 -35.05
N THR A 508 26.74 -1.98 -36.21
CA THR A 508 28.14 -2.01 -36.64
C THR A 508 28.82 -0.65 -36.47
N CYS A 509 30.10 -0.57 -36.84
CA CYS A 509 30.87 0.67 -36.73
C CYS A 509 31.76 0.94 -37.94
N ILE A 510 31.55 2.11 -38.55
CA ILE A 510 32.29 2.51 -39.74
C ILE A 510 33.27 3.66 -39.43
N ALA A 511 34.18 3.93 -40.36
CA ALA A 511 35.13 5.02 -40.22
C ALA A 511 34.50 6.39 -40.46
N ASP A 512 33.70 6.49 -41.52
CA ASP A 512 32.95 7.71 -41.84
C ASP A 512 31.58 7.36 -42.44
N CYS A 513 30.58 8.21 -42.22
CA CYS A 513 29.24 7.99 -42.78
C CYS A 513 29.22 8.19 -44.31
N GLY A 514 30.39 8.56 -44.86
CA GLY A 514 30.59 8.58 -46.31
C GLY A 514 30.54 7.18 -46.89
N TYR A 515 31.19 6.24 -46.21
CA TYR A 515 31.10 4.81 -46.52
C TYR A 515 29.69 4.29 -46.23
N ILE A 516 29.33 3.17 -46.84
CA ILE A 516 27.98 2.57 -46.74
C ILE A 516 26.89 3.48 -47.34
N SER A 517 27.17 4.02 -48.52
CA SER A 517 26.25 4.87 -49.28
C SER A 517 25.50 5.91 -48.42
N ASN A 518 24.18 5.97 -48.58
CA ASN A 518 23.33 6.96 -47.91
C ASN A 518 23.24 6.77 -46.41
N ALA A 519 23.71 7.78 -45.67
CA ALA A 519 23.63 7.84 -44.21
C ALA A 519 23.89 9.26 -43.71
N TYR A 520 22.91 9.84 -43.01
CA TYR A 520 23.06 11.18 -42.48
C TYR A 520 23.67 11.16 -41.07
N LYS A 521 24.59 12.09 -40.82
CA LYS A 521 25.31 12.15 -39.54
C LYS A 521 24.73 13.19 -38.60
N PHE A 522 23.76 12.77 -37.79
CA PHE A 522 23.13 13.67 -36.80
C PHE A 522 23.88 13.67 -35.47
N ASP A 523 25.10 13.12 -35.50
CA ASP A 523 25.99 13.07 -34.35
C ASP A 523 27.40 12.82 -34.87
N ASN A 524 28.40 13.23 -34.07
CA ASN A 524 29.80 12.95 -34.40
C ASN A 524 30.17 11.49 -34.08
N ARG A 525 29.39 10.87 -33.20
CA ARG A 525 29.60 9.49 -32.78
C ARG A 525 28.68 8.48 -33.47
N THR A 526 27.59 8.98 -34.08
CA THR A 526 26.61 8.10 -34.75
C THR A 526 26.20 8.58 -36.16
N CYS A 527 25.85 7.62 -37.02
CA CYS A 527 25.19 7.90 -38.30
C CYS A 527 23.87 7.11 -38.39
N LYS A 528 22.97 7.54 -39.27
CA LYS A 528 21.67 6.87 -39.44
C LYS A 528 21.29 6.67 -40.92
N ILE A 529 20.47 5.65 -41.19
CA ILE A 529 20.07 5.28 -42.55
C ILE A 529 19.02 6.24 -43.13
N CYS A 530 18.93 6.26 -44.46
CA CYS A 530 17.98 7.12 -45.19
C CYS A 530 16.80 6.34 -45.77
N HIS A 531 15.90 7.05 -46.44
CA HIS A 531 14.69 6.46 -47.04
C HIS A 531 15.04 5.48 -48.16
N CYS A 537 21.28 12.80 -48.97
CA CYS A 537 20.68 13.07 -47.66
C CYS A 537 21.27 14.31 -46.99
N ASN A 538 20.87 14.56 -45.74
CA ASN A 538 21.36 15.71 -44.98
C ASN A 538 21.26 15.49 -43.46
N HIS B 6 -29.70 2.42 15.30
CA HIS B 6 -28.42 3.05 14.84
C HIS B 6 -28.63 3.99 13.63
N LYS B 7 -29.20 5.16 13.90
CA LYS B 7 -29.48 6.17 12.87
C LYS B 7 -28.28 7.09 12.62
N ILE B 8 -27.98 7.34 11.34
CA ILE B 8 -26.98 8.33 10.94
C ILE B 8 -27.63 9.69 10.66
N CYS B 9 -26.94 10.77 11.02
CA CYS B 9 -27.38 12.12 10.68
C CYS B 9 -26.20 12.98 10.22
N ILE B 10 -26.47 13.92 9.31
CA ILE B 10 -25.41 14.75 8.72
C ILE B 10 -25.22 16.04 9.52
N GLY B 11 -23.98 16.29 9.94
CA GLY B 11 -23.66 17.47 10.73
C GLY B 11 -23.53 18.70 9.86
N THR B 12 -23.68 19.87 10.47
CA THR B 12 -23.55 21.16 9.78
C THR B 12 -22.09 21.64 9.79
N LYS B 13 -21.84 22.80 9.19
CA LYS B 13 -20.53 23.45 9.27
C LYS B 13 -20.59 24.96 9.04
N SER B 14 -21.57 25.59 9.68
CA SER B 14 -21.81 27.02 9.53
C SER B 14 -21.04 27.84 10.55
N ARG B 15 -20.42 27.16 11.52
CA ARG B 15 -19.70 27.80 12.63
C ARG B 15 -20.60 28.68 13.51
N LEU B 16 -20.18 29.90 13.81
CA LEU B 16 -20.97 30.74 14.70
C LEU B 16 -22.16 31.42 14.01
N SER B 17 -22.35 31.14 12.72
CA SER B 17 -23.44 31.72 11.95
C SER B 17 -24.79 31.09 12.28
N VAL B 18 -25.84 31.91 12.22
CA VAL B 18 -27.20 31.46 12.54
C VAL B 18 -28.27 32.02 11.62
N PRO B 19 -29.44 31.34 11.57
CA PRO B 19 -30.63 31.99 11.03
C PRO B 19 -31.04 33.14 11.94
N SER B 20 -31.63 34.19 11.35
CA SER B 20 -32.07 35.33 12.14
C SER B 20 -33.15 34.92 13.14
N ASN B 21 -34.06 34.06 12.70
CA ASN B 21 -35.07 33.47 13.57
C ASN B 21 -34.48 32.34 14.43
N LYS B 22 -34.33 32.61 15.73
CA LYS B 22 -33.74 31.65 16.64
C LYS B 22 -34.66 30.49 17.06
N GLU B 23 -35.98 30.72 17.06
CA GLU B 23 -36.92 29.63 17.31
C GLU B 23 -36.86 28.64 16.15
N HIS B 24 -36.72 29.17 14.94
CA HIS B 24 -36.56 28.35 13.73
C HIS B 24 -35.26 27.56 13.81
N HIS B 25 -34.21 28.20 14.32
CA HIS B 25 -32.91 27.57 14.47
C HIS B 25 -32.94 26.41 15.46
N TYR B 26 -33.70 26.55 16.54
CA TYR B 26 -33.88 25.45 17.48
C TYR B 26 -34.60 24.27 16.82
N ARG B 27 -35.66 24.59 16.11
CA ARG B 27 -36.47 23.57 15.44
C ARG B 27 -35.67 22.90 14.32
N ASN B 28 -34.73 23.65 13.73
CA ASN B 28 -33.80 23.09 12.75
C ASN B 28 -32.88 22.03 13.35
N LEU B 29 -32.36 22.32 14.55
CA LEU B 29 -31.49 21.40 15.28
C LEU B 29 -32.25 20.16 15.75
N ARG B 30 -33.46 20.36 16.24
CA ARG B 30 -34.28 19.26 16.74
C ARG B 30 -34.62 18.29 15.62
N ASP B 31 -34.88 18.83 14.42
CA ASP B 31 -35.16 18.01 13.22
C ASP B 31 -33.95 17.18 12.81
N ARG B 32 -32.78 17.81 12.83
CA ARG B 32 -31.55 17.19 12.35
C ARG B 32 -31.06 16.05 13.24
N TYR B 33 -30.97 16.31 14.54
CA TYR B 33 -30.27 15.40 15.47
C TYR B 33 -31.17 14.48 16.30
N THR B 34 -32.48 14.53 16.10
CA THR B 34 -33.41 13.71 16.90
C THR B 34 -33.32 12.23 16.49
N ASN B 35 -33.31 11.35 17.49
CA ASN B 35 -33.08 9.91 17.29
C ASN B 35 -31.74 9.55 16.64
N CYS B 36 -30.80 10.50 16.59
CA CYS B 36 -29.51 10.25 15.95
C CYS B 36 -28.53 9.52 16.87
N THR B 37 -27.75 8.62 16.29
CA THR B 37 -26.79 7.79 16.99
C THR B 37 -25.37 8.22 16.63
N TYR B 38 -25.15 8.44 15.35
CA TYR B 38 -23.83 8.69 14.80
C TYR B 38 -23.92 9.87 13.87
N VAL B 39 -23.40 11.02 14.30
CA VAL B 39 -23.42 12.22 13.45
C VAL B 39 -22.17 12.28 12.58
N ASP B 40 -22.41 12.22 11.27
CA ASP B 40 -21.37 12.35 10.27
C ASP B 40 -21.13 13.82 9.97
N GLY B 41 -20.06 14.36 10.53
CA GLY B 41 -19.70 15.76 10.36
C GLY B 41 -19.62 16.44 11.70
N ASN B 42 -19.73 17.78 11.69
CA ASN B 42 -19.61 18.56 12.90
C ASN B 42 -20.98 18.80 13.53
N LEU B 43 -21.10 18.52 14.82
CA LEU B 43 -22.28 18.91 15.58
C LEU B 43 -22.04 20.30 16.11
N GLU B 44 -22.85 21.24 15.62
CA GLU B 44 -22.73 22.63 16.06
C GLU B 44 -23.98 23.01 16.82
N LEU B 45 -23.82 23.14 18.14
CA LEU B 45 -24.93 23.48 19.01
C LEU B 45 -24.78 24.95 19.41
N THR B 46 -25.34 25.83 18.58
CA THR B 46 -25.18 27.26 18.78
C THR B 46 -26.50 28.04 18.90
N TRP B 47 -26.44 29.13 19.64
CA TRP B 47 -27.54 30.10 19.76
C TRP B 47 -28.86 29.51 20.26
N LEU B 48 -28.79 28.93 21.45
CA LEU B 48 -29.97 28.56 22.20
C LEU B 48 -30.01 29.55 23.36
N PRO B 49 -30.55 30.76 23.11
CA PRO B 49 -30.43 31.83 24.09
C PRO B 49 -31.47 31.72 25.21
N ASN B 50 -32.45 30.84 25.01
CA ASN B 50 -33.57 30.66 25.92
C ASN B 50 -33.47 29.36 26.71
N GLU B 51 -33.48 29.46 28.04
CA GLU B 51 -33.54 28.28 28.92
C GLU B 51 -34.80 27.47 28.62
N ASN B 52 -34.85 26.24 29.12
CA ASN B 52 -36.05 25.40 28.98
C ASN B 52 -36.28 24.79 27.60
N LEU B 53 -35.37 25.03 26.65
CA LEU B 53 -35.36 24.26 25.42
C LEU B 53 -35.03 22.81 25.76
N ASP B 54 -35.70 21.87 25.10
CA ASP B 54 -35.67 20.47 25.53
C ASP B 54 -34.30 19.78 25.44
N LEU B 55 -33.62 19.93 24.30
CA LEU B 55 -32.28 19.35 24.09
C LEU B 55 -32.24 17.83 24.11
N SER B 56 -33.40 17.21 23.87
CA SER B 56 -33.53 15.76 23.91
C SER B 56 -32.83 15.04 22.75
N PHE B 57 -32.59 15.77 21.65
CA PHE B 57 -31.93 15.20 20.48
C PHE B 57 -30.48 14.80 20.76
N LEU B 58 -29.92 15.36 21.82
CA LEU B 58 -28.58 15.00 22.28
C LEU B 58 -28.57 13.61 22.95
N ASP B 59 -29.74 13.16 23.40
CA ASP B 59 -29.86 11.93 24.20
C ASP B 59 -29.29 10.67 23.55
N ASN B 60 -29.47 10.54 22.24
CA ASN B 60 -29.08 9.31 21.55
C ASN B 60 -27.71 9.35 20.88
N ILE B 61 -27.10 10.53 20.82
CA ILE B 61 -25.81 10.70 20.15
C ILE B 61 -24.70 9.93 20.84
N ARG B 62 -24.06 9.05 20.08
CA ARG B 62 -23.01 8.18 20.59
C ARG B 62 -21.62 8.57 20.05
N GLU B 63 -21.58 9.01 18.79
CA GLU B 63 -20.32 9.33 18.10
C GLU B 63 -20.44 10.55 17.18
N VAL B 64 -19.42 11.40 17.18
CA VAL B 64 -19.37 12.57 16.30
C VAL B 64 -18.04 12.51 15.55
N THR B 65 -18.11 12.41 14.22
CA THR B 65 -16.89 12.25 13.41
C THR B 65 -16.07 13.53 13.32
N GLY B 66 -16.74 14.66 13.15
CA GLY B 66 -16.07 15.95 13.11
C GLY B 66 -15.87 16.52 14.50
N TYR B 67 -15.87 17.84 14.62
CA TYR B 67 -15.77 18.49 15.92
C TYR B 67 -17.13 18.72 16.55
N ILE B 68 -17.15 18.97 17.85
CA ILE B 68 -18.35 19.48 18.52
C ILE B 68 -18.08 20.94 18.90
N LEU B 69 -18.95 21.83 18.44
CA LEU B 69 -18.88 23.24 18.80
C LEU B 69 -20.15 23.61 19.56
N ILE B 70 -19.96 24.18 20.75
CA ILE B 70 -21.07 24.62 21.59
C ILE B 70 -20.87 26.11 21.86
N SER B 71 -21.69 26.94 21.24
CA SER B 71 -21.57 28.39 21.42
C SER B 71 -22.91 29.10 21.59
N HIS B 72 -22.93 30.07 22.51
CA HIS B 72 -24.08 30.92 22.76
C HIS B 72 -25.34 30.16 23.20
N VAL B 73 -25.14 29.01 23.83
CA VAL B 73 -26.23 28.24 24.41
C VAL B 73 -26.37 28.53 25.91
N ASP B 74 -27.57 28.95 26.31
CA ASP B 74 -27.84 29.44 27.66
C ASP B 74 -28.74 28.51 28.47
N VAL B 75 -29.11 27.37 27.89
CA VAL B 75 -29.78 26.29 28.61
C VAL B 75 -28.95 25.93 29.84
N LYS B 76 -29.61 25.76 30.99
CA LYS B 76 -28.92 25.56 32.26
C LYS B 76 -28.02 24.32 32.27
N LYS B 77 -28.53 23.21 31.77
CA LYS B 77 -27.85 21.93 31.86
C LYS B 77 -27.77 21.20 30.52
N VAL B 78 -26.59 21.22 29.90
CA VAL B 78 -26.37 20.53 28.63
C VAL B 78 -25.85 19.12 28.91
N VAL B 79 -26.60 18.11 28.48
CA VAL B 79 -26.25 16.72 28.72
C VAL B 79 -26.11 15.98 27.39
N PHE B 80 -25.00 15.25 27.27
CA PHE B 80 -24.81 14.27 26.19
C PHE B 80 -24.83 12.88 26.84
N PRO B 81 -26.03 12.31 27.06
CA PRO B 81 -26.20 11.11 27.88
C PRO B 81 -25.43 9.89 27.38
N LYS B 82 -25.18 9.82 26.07
CA LYS B 82 -24.59 8.63 25.49
C LYS B 82 -23.34 8.86 24.61
N LEU B 83 -22.91 10.12 24.48
CA LEU B 83 -21.72 10.44 23.68
C LEU B 83 -20.50 9.78 24.30
N GLN B 84 -19.81 8.95 23.51
CA GLN B 84 -18.59 8.31 23.98
C GLN B 84 -17.32 8.58 23.18
N ILE B 85 -17.42 8.83 21.88
CA ILE B 85 -16.23 9.25 21.12
C ILE B 85 -16.43 10.43 20.16
N ILE B 86 -15.43 11.31 20.10
CA ILE B 86 -15.36 12.38 19.11
C ILE B 86 -14.12 12.14 18.28
N ARG B 87 -14.30 11.86 16.99
CA ARG B 87 -13.18 11.48 16.13
C ARG B 87 -12.35 12.68 15.67
N GLY B 88 -12.98 13.85 15.59
CA GLY B 88 -12.32 15.09 15.19
C GLY B 88 -11.61 15.01 13.85
N ARG B 89 -12.28 14.41 12.86
CA ARG B 89 -11.74 14.29 11.49
C ARG B 89 -11.95 15.58 10.71
N THR B 90 -12.79 16.46 11.27
CA THR B 90 -12.90 17.85 10.84
C THR B 90 -12.71 18.67 12.12
N LEU B 91 -11.88 19.69 12.07
CA LEU B 91 -11.57 20.45 13.28
C LEU B 91 -11.94 21.92 13.19
N PHE B 92 -12.24 22.52 14.33
CA PHE B 92 -12.69 23.91 14.40
C PHE B 92 -11.53 24.86 14.75
N SER B 93 -11.43 25.96 14.02
CA SER B 93 -10.35 26.93 14.23
C SER B 93 -10.84 28.38 14.23
N LEU B 94 -10.12 29.24 14.96
CA LEU B 94 -10.42 30.67 15.02
C LEU B 94 -9.60 31.45 14.01
N SER B 95 -8.38 30.96 13.77
CA SER B 95 -7.51 31.45 12.72
C SER B 95 -6.61 30.29 12.27
N VAL B 96 -6.29 30.27 10.99
CA VAL B 96 -5.49 29.19 10.38
C VAL B 96 -4.20 28.82 11.18
N GLU B 97 -3.58 29.83 11.80
CA GLU B 97 -2.33 29.62 12.55
C GLU B 97 -2.52 28.98 13.93
N GLU B 98 -3.74 29.07 14.49
CA GLU B 98 -4.00 28.64 15.87
C GLU B 98 -4.43 27.19 15.99
N GLU B 99 -4.65 26.73 17.23
CA GLU B 99 -5.05 25.35 17.53
C GLU B 99 -6.35 24.97 16.81
N LYS B 100 -6.47 23.68 16.49
CA LYS B 100 -7.68 23.15 15.89
C LYS B 100 -8.39 22.28 16.91
N TYR B 101 -9.67 22.55 17.13
CA TYR B 101 -10.42 21.93 18.21
C TYR B 101 -11.39 20.84 17.75
N ALA B 102 -11.42 19.75 18.52
CA ALA B 102 -12.42 18.71 18.35
C ALA B 102 -13.63 18.99 19.25
N LEU B 103 -13.38 19.71 20.34
CA LEU B 103 -14.44 20.17 21.24
C LEU B 103 -14.12 21.60 21.62
N PHE B 104 -15.10 22.49 21.48
CA PHE B 104 -14.92 23.88 21.84
C PHE B 104 -16.23 24.47 22.31
N VAL B 105 -16.30 24.86 23.58
CA VAL B 105 -17.47 25.59 24.07
C VAL B 105 -17.08 27.02 24.43
N THR B 106 -17.90 27.96 24.01
CA THR B 106 -17.60 29.38 24.18
C THR B 106 -18.86 30.22 24.36
N TYR B 107 -18.71 31.35 25.04
CA TYR B 107 -19.77 32.35 25.23
C TYR B 107 -21.12 31.72 25.60
N SER B 108 -21.09 30.78 26.53
CA SER B 108 -22.27 29.98 26.84
C SER B 108 -22.64 30.12 28.30
N LYS B 109 -23.93 30.11 28.60
CA LYS B 109 -24.39 30.40 29.96
C LYS B 109 -24.82 29.17 30.77
N MET B 110 -24.45 27.98 30.32
CA MET B 110 -24.83 26.75 31.01
C MET B 110 -24.12 26.62 32.35
N TYR B 111 -24.83 26.05 33.32
CA TYR B 111 -24.29 25.81 34.65
C TYR B 111 -23.33 24.62 34.64
N THR B 112 -23.74 23.53 34.00
CA THR B 112 -22.90 22.33 33.85
C THR B 112 -22.98 21.73 32.44
N LEU B 113 -21.82 21.29 31.94
CA LEU B 113 -21.75 20.53 30.69
C LEU B 113 -21.44 19.09 31.06
N GLU B 114 -22.42 18.22 30.96
CA GLU B 114 -22.26 16.84 31.41
C GLU B 114 -22.14 15.89 30.24
N ILE B 115 -20.92 15.42 29.99
CA ILE B 115 -20.68 14.38 29.00
C ILE B 115 -20.09 13.15 29.70
N PRO B 116 -20.84 12.55 30.65
CA PRO B 116 -20.27 11.34 31.27
C PRO B 116 -20.21 10.29 30.19
N ASP B 117 -19.51 9.19 30.42
CA ASP B 117 -19.49 8.14 29.39
C ASP B 117 -18.60 8.50 28.18
N LEU B 118 -18.19 9.77 28.07
CA LEU B 118 -17.23 10.18 27.04
C LEU B 118 -15.88 9.56 27.32
N ARG B 119 -15.38 8.77 26.37
CA ARG B 119 -14.16 8.03 26.55
C ARG B 119 -12.98 8.61 25.78
N ASP B 120 -13.21 8.99 24.52
CA ASP B 120 -12.11 9.28 23.58
C ASP B 120 -12.34 10.49 22.67
N VAL B 121 -11.35 11.38 22.61
CA VAL B 121 -11.29 12.39 21.56
C VAL B 121 -10.05 12.05 20.72
N LEU B 122 -10.28 11.48 19.55
CA LEU B 122 -9.23 10.81 18.78
C LEU B 122 -8.22 11.74 18.13
N ASN B 123 -8.69 12.90 17.69
CA ASN B 123 -7.83 13.90 17.08
C ASN B 123 -8.34 15.31 17.37
N GLY B 124 -7.41 16.22 17.64
CA GLY B 124 -7.77 17.61 17.94
C GLY B 124 -7.80 17.92 19.42
N GLN B 125 -7.87 19.20 19.75
CA GLN B 125 -7.80 19.68 21.14
C GLN B 125 -9.15 20.09 21.70
N VAL B 126 -9.16 20.45 22.98
CA VAL B 126 -10.36 20.85 23.71
C VAL B 126 -10.22 22.30 24.17
N GLY B 127 -11.28 23.08 24.05
CA GLY B 127 -11.23 24.50 24.41
C GLY B 127 -12.45 25.04 25.10
N PHE B 128 -12.22 25.89 26.12
CA PHE B 128 -13.29 26.59 26.81
C PHE B 128 -12.92 28.07 26.95
N HIS B 129 -13.79 28.95 26.47
CA HIS B 129 -13.52 30.39 26.55
C HIS B 129 -14.77 31.21 26.88
N ASN B 130 -14.66 32.02 27.92
CA ASN B 130 -15.66 33.03 28.29
C ASN B 130 -17.08 32.54 28.59
N ASN B 131 -17.19 31.35 29.19
CA ASN B 131 -18.48 30.84 29.66
C ASN B 131 -18.60 30.92 31.17
N TYR B 132 -19.51 31.75 31.63
CA TYR B 132 -19.48 32.26 33.00
C TYR B 132 -19.96 31.33 34.11
N ASN B 133 -20.93 30.47 33.81
CA ASN B 133 -21.50 29.59 34.84
C ASN B 133 -20.94 28.17 34.83
N LEU B 134 -20.22 27.82 33.75
CA LEU B 134 -19.72 26.46 33.59
C LEU B 134 -18.75 26.07 34.70
N CYS B 135 -18.86 24.81 35.13
CA CYS B 135 -18.05 24.28 36.22
C CYS B 135 -17.67 22.82 36.05
N HIS B 136 -16.64 22.41 36.80
CA HIS B 136 -16.16 21.03 36.87
C HIS B 136 -15.26 20.63 35.69
N MET B 137 -15.09 21.53 34.73
CA MET B 137 -14.22 21.27 33.58
C MET B 137 -12.76 21.36 33.99
N ARG B 138 -12.50 22.17 34.99
CA ARG B 138 -11.16 22.33 35.54
C ARG B 138 -10.77 21.08 36.34
N THR B 139 -11.78 20.37 36.85
CA THR B 139 -11.55 19.17 37.65
C THR B 139 -11.33 17.95 36.79
N ILE B 140 -11.75 18.03 35.53
CA ILE B 140 -11.60 16.93 34.58
C ILE B 140 -10.18 16.86 34.05
N GLN B 141 -9.66 15.65 33.92
CA GLN B 141 -8.39 15.41 33.28
C GLN B 141 -8.59 15.12 31.79
N TRP B 142 -8.24 16.10 30.95
CA TRP B 142 -8.41 15.96 29.51
C TRP B 142 -7.28 15.17 28.86
N SER B 143 -6.18 14.99 29.58
CA SER B 143 -5.07 14.14 29.12
C SER B 143 -5.54 12.70 28.99
N GLU B 144 -6.61 12.38 29.71
CA GLU B 144 -7.22 11.06 29.68
C GLU B 144 -8.07 10.88 28.44
N ILE B 145 -8.67 11.96 27.97
CA ILE B 145 -9.63 11.89 26.86
C ILE B 145 -8.96 12.19 25.51
N VAL B 146 -8.17 13.25 25.46
CA VAL B 146 -7.45 13.65 24.26
C VAL B 146 -6.19 12.82 24.11
N SER B 147 -5.93 12.32 22.90
CA SER B 147 -4.67 11.62 22.61
C SER B 147 -3.44 12.54 22.70
N ASN B 148 -3.37 13.54 21.81
CA ASN B 148 -2.32 14.56 21.87
C ASN B 148 -2.85 16.00 21.63
N GLY B 149 -2.32 16.94 22.43
CA GLY B 149 -2.72 18.35 22.35
C GLY B 149 -3.02 18.97 23.71
N THR B 159 -10.37 28.95 33.74
CA THR B 159 -11.37 28.75 34.78
C THR B 159 -12.14 30.05 35.10
N ALA B 160 -11.85 30.64 36.27
CA ALA B 160 -12.55 31.83 36.79
C ALA B 160 -14.04 31.93 36.42
N PRO B 161 -14.89 31.07 37.00
CA PRO B 161 -16.31 31.06 36.65
C PRO B 161 -17.17 32.06 37.45
N GLU B 162 -16.57 32.74 38.43
CA GLU B 162 -17.28 33.73 39.26
C GLU B 162 -18.60 33.14 39.79
N ARG B 163 -18.52 31.93 40.34
CA ARG B 163 -19.68 31.24 40.89
C ARG B 163 -19.19 30.12 41.80
N GLU B 164 -19.70 30.08 43.02
CA GLU B 164 -19.38 29.00 43.96
C GLU B 164 -19.92 27.70 43.39
N CYS B 165 -19.02 26.76 43.12
CA CYS B 165 -19.41 25.52 42.48
C CYS B 165 -19.18 24.29 43.33
N PRO B 166 -20.22 23.45 43.47
CA PRO B 166 -20.21 22.27 44.33
C PRO B 166 -19.01 21.37 44.07
N LYS B 167 -18.38 20.89 45.14
CA LYS B 167 -17.34 19.89 45.02
C LYS B 167 -17.91 18.65 44.34
N CYS B 168 -17.04 17.86 43.72
CA CYS B 168 -17.45 16.58 43.15
C CYS B 168 -17.97 15.69 44.27
N HIS B 169 -18.88 14.79 43.93
CA HIS B 169 -19.40 13.84 44.91
C HIS B 169 -18.27 13.08 45.59
N GLU B 170 -18.48 12.72 46.85
CA GLU B 170 -17.47 12.01 47.64
C GLU B 170 -16.99 10.76 46.92
N SER B 171 -17.92 10.09 46.24
CA SER B 171 -17.64 8.89 45.46
C SER B 171 -16.50 9.06 44.44
N CYS B 172 -16.50 10.19 43.73
CA CYS B 172 -15.46 10.49 42.74
C CYS B 172 -14.10 10.55 43.38
N THR B 173 -13.16 9.77 42.86
CA THR B 173 -11.79 9.79 43.39
C THR B 173 -10.98 10.90 42.74
N HIS B 174 -11.29 11.20 41.47
CA HIS B 174 -10.67 12.32 40.76
C HIS B 174 -11.68 13.45 40.56
N GLY B 175 -11.89 13.86 39.31
CA GLY B 175 -12.82 14.94 38.99
C GLY B 175 -14.18 14.44 38.56
N CYS B 176 -15.03 15.35 38.11
CA CYS B 176 -16.39 15.03 37.70
C CYS B 176 -16.94 15.96 36.62
N TRP B 177 -18.04 15.55 35.99
CA TRP B 177 -18.70 16.32 34.94
C TRP B 177 -19.82 17.20 35.48
N GLY B 178 -20.47 16.72 36.55
CA GLY B 178 -21.61 17.38 37.19
C GLY B 178 -21.66 16.95 38.64
N GLU B 179 -22.86 16.88 39.21
CA GLU B 179 -23.00 16.69 40.67
C GLU B 179 -23.14 15.24 41.14
N GLY B 180 -23.78 14.39 40.34
CA GLY B 180 -24.05 13.01 40.75
C GLY B 180 -22.83 12.14 40.98
N PRO B 181 -23.03 10.94 41.59
CA PRO B 181 -22.02 9.87 41.56
C PRO B 181 -21.89 9.27 40.15
N LYS B 182 -22.92 9.48 39.32
CA LYS B 182 -22.89 9.06 37.93
C LYS B 182 -21.95 9.94 37.10
N ASN B 183 -21.63 11.12 37.63
CA ASN B 183 -20.84 12.14 36.93
C ASN B 183 -19.32 12.08 37.15
N CYS B 184 -18.87 11.16 37.98
CA CYS B 184 -17.44 10.93 38.19
C CYS B 184 -16.77 10.58 36.86
N GLN B 185 -15.61 11.19 36.59
CA GLN B 185 -14.84 10.85 35.41
C GLN B 185 -14.20 9.48 35.60
N LYS B 186 -14.47 8.59 34.65
CA LYS B 186 -13.90 7.25 34.67
C LYS B 186 -12.64 7.21 33.80
N PHE B 187 -11.70 6.34 34.16
CA PHE B 187 -10.37 6.35 33.55
C PHE B 187 -10.01 5.01 32.93
N SER B 188 -9.53 5.05 31.69
CA SER B 188 -9.07 3.84 31.03
C SER B 188 -7.75 4.01 30.29
N LYS B 189 -7.14 5.19 30.42
CA LYS B 189 -5.89 5.48 29.71
C LYS B 189 -4.71 5.76 30.66
N LEU B 190 -4.90 6.69 31.60
CA LEU B 190 -3.83 7.07 32.54
C LEU B 190 -3.78 6.10 33.72
N THR B 191 -4.88 5.39 33.92
CA THR B 191 -5.06 4.44 35.01
C THR B 191 -4.35 3.10 34.74
N CYS B 192 -3.76 2.99 33.55
CA CYS B 192 -3.22 1.75 33.02
C CYS B 192 -1.86 1.35 33.58
N SER B 193 -1.40 0.17 33.20
CA SER B 193 -0.01 -0.23 33.37
C SER B 193 0.81 0.42 32.27
N PRO B 194 2.15 0.43 32.41
CA PRO B 194 2.89 1.14 31.36
C PRO B 194 3.08 0.33 30.08
N GLN B 195 2.81 -0.97 30.13
CA GLN B 195 3.02 -1.88 28.99
C GLN B 195 2.01 -1.67 27.87
N CYS B 196 1.37 -0.51 27.86
CA CYS B 196 0.23 -0.27 26.99
C CYS B 196 0.27 1.07 26.30
N ALA B 197 1.39 1.78 26.44
CA ALA B 197 1.55 3.08 25.82
C ALA B 197 0.99 3.02 24.41
N GLY B 198 -0.03 3.82 24.14
CA GLY B 198 -0.67 3.87 22.82
C GLY B 198 -2.09 3.35 22.80
N GLY B 199 -2.52 2.76 23.91
CA GLY B 199 -3.85 2.17 24.00
C GLY B 199 -4.51 2.33 25.35
N ARG B 200 -5.67 1.69 25.48
CA ARG B 200 -6.46 1.74 26.71
C ARG B 200 -6.62 0.37 27.34
N CYS B 201 -6.53 0.34 28.66
CA CYS B 201 -6.62 -0.89 29.46
C CYS B 201 -8.03 -1.16 29.94
N TYR B 202 -8.33 -2.44 30.17
CA TYR B 202 -9.60 -2.83 30.76
C TYR B 202 -9.41 -3.30 32.21
N GLY B 203 -8.18 -3.14 32.70
CA GLY B 203 -7.81 -3.47 34.07
C GLY B 203 -6.45 -2.84 34.36
N PRO B 204 -6.07 -2.73 35.65
CA PRO B 204 -4.84 -2.03 35.97
C PRO B 204 -3.58 -2.90 35.81
N LYS B 205 -3.77 -4.22 35.70
CA LYS B 205 -2.66 -5.17 35.56
C LYS B 205 -1.93 -5.00 34.23
N PRO B 206 -0.63 -5.32 34.20
CA PRO B 206 0.06 -5.47 32.92
C PRO B 206 -0.39 -6.78 32.28
N ARG B 207 -0.68 -6.74 30.98
CA ARG B 207 -1.27 -7.87 30.25
C ARG B 207 -2.79 -7.79 30.23
N GLU B 208 -3.33 -6.75 30.86
CA GLU B 208 -4.77 -6.53 30.91
C GLU B 208 -5.15 -5.34 30.04
N CYS B 209 -4.50 -5.27 28.87
CA CYS B 209 -4.71 -4.17 27.92
C CYS B 209 -5.39 -4.60 26.64
N CYS B 210 -6.10 -3.67 26.03
CA CYS B 210 -6.86 -3.98 24.84
C CYS B 210 -6.09 -3.70 23.57
N HIS B 211 -6.48 -4.41 22.52
CA HIS B 211 -5.85 -4.31 21.22
C HIS B 211 -5.78 -2.87 20.76
N LEU B 212 -4.64 -2.50 20.18
CA LEU B 212 -4.41 -1.14 19.70
C LEU B 212 -5.34 -0.76 18.54
N PHE B 213 -6.11 -1.73 18.05
CA PHE B 213 -6.97 -1.50 16.89
C PHE B 213 -8.25 -0.73 17.20
N CYS B 214 -8.55 -0.54 18.48
CA CYS B 214 -9.83 0.07 18.84
C CYS B 214 -9.80 1.36 19.64
N ALA B 215 -10.88 2.11 19.48
CA ALA B 215 -11.03 3.45 20.02
C ALA B 215 -12.03 3.47 21.16
N GLY B 216 -11.95 4.51 21.99
CA GLY B 216 -12.73 4.56 23.22
C GLY B 216 -12.23 3.49 24.15
N GLY B 217 -13.15 2.89 24.89
CA GLY B 217 -12.78 1.85 25.84
C GLY B 217 -12.68 0.47 25.19
N CYS B 218 -12.98 -0.54 26.00
CA CYS B 218 -12.82 -1.94 25.62
C CYS B 218 -13.01 -2.81 26.85
N THR B 219 -13.52 -4.03 26.65
CA THR B 219 -13.94 -4.89 27.75
C THR B 219 -13.16 -6.21 27.81
N GLY B 220 -11.98 -6.22 27.22
CA GLY B 220 -11.16 -7.42 27.13
C GLY B 220 -10.06 -7.27 26.09
N PRO B 221 -9.10 -8.22 26.06
CA PRO B 221 -7.87 -8.07 25.30
C PRO B 221 -8.00 -8.22 23.78
N THR B 222 -8.92 -9.07 23.34
CA THR B 222 -9.09 -9.38 21.91
C THR B 222 -9.76 -8.25 21.13
N GLN B 223 -9.64 -8.33 19.79
CA GLN B 223 -10.11 -7.29 18.88
C GLN B 223 -11.63 -7.22 18.79
N LYS B 224 -12.31 -8.19 19.41
CA LYS B 224 -13.76 -8.23 19.42
C LYS B 224 -14.30 -7.52 20.64
N ASP B 225 -13.46 -7.45 21.68
CA ASP B 225 -13.85 -6.85 22.97
C ASP B 225 -13.65 -5.34 22.98
N CYS B 226 -14.00 -4.68 21.88
CA CYS B 226 -13.77 -3.25 21.74
C CYS B 226 -15.08 -2.49 21.65
N ILE B 227 -15.09 -1.30 22.26
CA ILE B 227 -16.28 -0.46 22.27
C ILE B 227 -16.51 0.22 20.92
N ALA B 228 -15.52 1.02 20.50
CA ALA B 228 -15.54 1.62 19.17
C ALA B 228 -14.35 1.12 18.34
N CYS B 229 -14.51 1.15 17.03
CA CYS B 229 -13.53 0.62 16.11
C CYS B 229 -12.70 1.78 15.55
N LYS B 230 -11.40 1.79 15.87
CA LYS B 230 -10.52 2.90 15.49
C LYS B 230 -10.48 3.14 13.99
N ASN B 231 -10.26 2.08 13.22
CA ASN B 231 -10.22 2.16 11.77
C ASN B 231 -11.38 1.43 11.07
N PHE B 232 -11.26 0.11 10.91
CA PHE B 232 -12.23 -0.66 10.16
C PHE B 232 -12.94 -1.70 10.99
N PHE B 233 -14.24 -1.85 10.74
CA PHE B 233 -15.05 -2.86 11.39
C PHE B 233 -15.41 -3.95 10.39
N ASP B 234 -15.04 -5.18 10.71
CA ASP B 234 -15.24 -6.30 9.80
C ASP B 234 -15.56 -7.57 10.58
N GLU B 235 -16.74 -8.15 10.32
CA GLU B 235 -17.16 -9.42 10.93
C GLU B 235 -17.33 -9.30 12.45
N GLY B 236 -17.59 -8.09 12.92
CA GLY B 236 -17.66 -7.82 14.36
C GLY B 236 -16.31 -7.81 15.07
N VAL B 237 -15.26 -7.55 14.30
CA VAL B 237 -13.88 -7.48 14.84
C VAL B 237 -13.14 -6.28 14.26
N CYS B 238 -12.48 -5.53 15.13
CA CYS B 238 -11.74 -4.33 14.71
C CYS B 238 -10.42 -4.65 14.02
N LYS B 239 -10.20 -4.00 12.89
CA LYS B 239 -8.97 -4.17 12.12
C LYS B 239 -8.39 -2.80 11.78
N GLU B 240 -7.06 -2.71 11.75
CA GLU B 240 -6.39 -1.47 11.34
C GLU B 240 -6.44 -1.35 9.83
N GLU B 241 -6.30 -2.47 9.15
CA GLU B 241 -6.26 -2.51 7.71
C GLU B 241 -7.15 -3.65 7.24
N CYS B 242 -7.97 -3.34 6.24
CA CYS B 242 -8.92 -4.27 5.68
C CYS B 242 -8.18 -5.42 4.97
N PRO B 243 -8.66 -6.68 5.09
CA PRO B 243 -7.93 -7.87 4.61
C PRO B 243 -7.47 -7.73 3.17
N PRO B 244 -6.14 -7.76 2.96
CA PRO B 244 -5.53 -7.38 1.68
C PRO B 244 -5.91 -8.29 0.53
N MET B 245 -6.02 -7.72 -0.66
CA MET B 245 -6.27 -8.50 -1.88
C MET B 245 -5.06 -9.35 -2.22
N ARG B 246 -3.88 -8.78 -1.99
CA ARG B 246 -2.64 -9.50 -2.14
C ARG B 246 -1.91 -9.53 -0.79
N LYS B 247 -1.74 -10.74 -0.27
CA LYS B 247 -1.18 -10.94 1.05
C LYS B 247 0.31 -11.26 0.98
N TYR B 248 1.11 -10.48 1.71
CA TYR B 248 2.56 -10.62 1.71
C TYR B 248 3.04 -11.81 2.52
N ASN B 249 4.02 -12.52 1.99
CA ASN B 249 4.66 -13.63 2.69
C ASN B 249 6.07 -13.20 3.09
N PRO B 250 6.34 -13.11 4.40
CA PRO B 250 7.65 -12.68 4.90
C PRO B 250 8.75 -13.73 4.71
N THR B 251 8.36 -14.99 4.58
CA THR B 251 9.33 -16.08 4.48
C THR B 251 9.92 -16.16 3.08
N THR B 252 9.07 -16.33 2.08
CA THR B 252 9.48 -16.20 0.67
C THR B 252 8.92 -14.87 0.21
N TYR B 253 9.79 -13.93 -0.12
CA TYR B 253 9.37 -12.55 -0.35
C TYR B 253 8.51 -12.43 -1.61
N VAL B 254 7.20 -12.67 -1.43
CA VAL B 254 6.23 -12.61 -2.52
C VAL B 254 4.82 -12.30 -2.02
N LEU B 255 4.10 -11.47 -2.79
CA LEU B 255 2.69 -11.22 -2.56
C LEU B 255 1.89 -12.37 -3.16
N GLU B 256 1.09 -13.03 -2.31
CA GLU B 256 0.17 -14.09 -2.75
C GLU B 256 -1.23 -13.50 -2.88
N THR B 257 -2.01 -14.06 -3.81
CA THR B 257 -3.39 -13.61 -4.00
C THR B 257 -4.27 -14.13 -2.86
N ASN B 258 -5.07 -13.24 -2.29
CA ASN B 258 -5.85 -13.57 -1.10
C ASN B 258 -7.33 -13.85 -1.41
N PRO B 259 -7.77 -15.10 -1.23
CA PRO B 259 -9.17 -15.45 -1.43
C PRO B 259 -10.08 -14.81 -0.39
N GLU B 260 -9.51 -14.43 0.76
CA GLU B 260 -10.28 -13.82 1.86
C GLU B 260 -10.25 -12.30 1.79
N GLY B 261 -9.65 -11.76 0.73
CA GLY B 261 -9.48 -10.32 0.56
C GLY B 261 -10.80 -9.58 0.49
N LYS B 262 -10.85 -8.44 1.16
CA LYS B 262 -12.05 -7.58 1.19
C LYS B 262 -11.69 -6.14 0.90
N TYR B 263 -12.62 -5.43 0.25
CA TYR B 263 -12.42 -4.02 -0.10
C TYR B 263 -12.71 -3.12 1.07
N ALA B 264 -11.91 -2.07 1.21
CA ALA B 264 -12.14 -1.06 2.24
C ALA B 264 -13.27 -0.14 1.78
N TYR B 265 -14.30 0.00 2.60
CA TYR B 265 -15.42 0.88 2.29
C TYR B 265 -15.82 1.69 3.53
N GLY B 266 -15.10 2.79 3.74
CA GLY B 266 -15.34 3.72 4.85
C GLY B 266 -15.67 3.08 6.18
N ALA B 267 -14.64 2.59 6.87
CA ALA B 267 -14.80 2.00 8.21
C ALA B 267 -15.56 0.66 8.24
N THR B 268 -15.98 0.18 7.08
CA THR B 268 -16.53 -1.16 6.95
C THR B 268 -15.73 -1.93 5.90
N CYS B 269 -15.74 -3.25 6.00
CA CYS B 269 -15.00 -4.10 5.07
C CYS B 269 -15.95 -5.00 4.31
N VAL B 270 -16.05 -4.76 3.01
CA VAL B 270 -17.01 -5.45 2.13
C VAL B 270 -16.33 -6.36 1.11
N LYS B 271 -17.02 -7.40 0.67
CA LYS B 271 -16.48 -8.32 -0.34
C LYS B 271 -16.61 -7.81 -1.77
N GLU B 272 -17.68 -7.06 -2.04
CA GLU B 272 -17.85 -6.37 -3.33
C GLU B 272 -18.23 -4.91 -3.09
N CYS B 273 -17.74 -4.02 -3.95
CA CYS B 273 -18.04 -2.59 -3.84
C CYS B 273 -19.50 -2.26 -4.19
N PRO B 274 -20.02 -1.13 -3.66
CA PRO B 274 -21.39 -0.67 -3.91
C PRO B 274 -21.79 -0.53 -5.40
N GLY B 275 -20.82 -0.50 -6.30
CA GLY B 275 -21.11 -0.48 -7.74
C GLY B 275 -21.10 0.91 -8.34
N HIS B 276 -21.63 1.88 -7.60
CA HIS B 276 -21.57 3.28 -8.01
C HIS B 276 -20.19 3.89 -7.72
N LEU B 277 -19.40 3.17 -6.93
CA LEU B 277 -18.03 3.57 -6.61
C LEU B 277 -17.03 2.83 -7.49
N LEU B 278 -15.86 3.44 -7.67
CA LEU B 278 -14.75 2.80 -8.36
C LEU B 278 -14.00 1.90 -7.40
N ARG B 279 -13.09 1.09 -7.95
CA ARG B 279 -12.29 0.18 -7.14
C ARG B 279 -10.81 0.42 -7.38
N ASP B 280 -10.16 1.07 -6.42
CA ASP B 280 -8.71 1.15 -6.37
C ASP B 280 -8.22 -0.12 -5.69
N ASN B 281 -7.06 -0.63 -6.09
CA ASN B 281 -6.64 -1.99 -5.71
C ASN B 281 -7.25 -2.58 -4.43
N GLY B 282 -7.13 -1.87 -3.31
CA GLY B 282 -7.64 -2.39 -2.04
C GLY B 282 -8.98 -1.82 -1.59
N ALA B 283 -9.45 -0.75 -2.23
CA ALA B 283 -10.52 0.07 -1.68
C ALA B 283 -11.62 0.48 -2.66
N CYS B 284 -12.84 0.67 -2.13
CA CYS B 284 -13.93 1.29 -2.87
C CYS B 284 -13.75 2.80 -2.80
N VAL B 285 -13.54 3.42 -3.95
CA VAL B 285 -13.08 4.80 -4.04
C VAL B 285 -14.07 5.69 -4.80
N ARG B 286 -13.90 7.01 -4.69
CA ARG B 286 -14.66 7.98 -5.46
C ARG B 286 -13.94 8.36 -6.75
N SER B 287 -12.61 8.48 -6.66
CA SER B 287 -11.80 8.93 -7.79
C SER B 287 -10.38 8.37 -7.76
N CYS B 288 -9.83 8.10 -8.94
CA CYS B 288 -8.46 7.60 -9.07
C CYS B 288 -7.46 8.75 -8.96
N PRO B 289 -6.27 8.48 -8.38
CA PRO B 289 -5.20 9.49 -8.34
C PRO B 289 -4.54 9.69 -9.70
N GLN B 290 -3.84 10.80 -9.87
CA GLN B 290 -3.29 11.22 -11.17
C GLN B 290 -2.57 10.14 -12.00
N ASP B 291 -2.03 9.14 -11.32
CA ASP B 291 -1.32 8.02 -11.97
C ASP B 291 -2.27 7.13 -12.75
N LYS B 292 -3.48 6.96 -12.21
CA LYS B 292 -4.44 5.98 -12.71
C LYS B 292 -5.72 6.62 -13.25
N MET B 293 -6.53 5.83 -13.96
CA MET B 293 -7.73 6.32 -14.61
C MET B 293 -8.86 5.29 -14.58
N ASP B 294 -10.10 5.77 -14.67
CA ASP B 294 -11.27 4.91 -14.71
C ASP B 294 -11.24 4.03 -15.97
N LYS B 295 -11.48 2.75 -15.79
CA LYS B 295 -11.57 1.79 -16.89
C LYS B 295 -12.35 0.54 -16.46
N GLY B 296 -13.65 0.57 -16.73
CA GLY B 296 -14.55 -0.47 -16.25
C GLY B 296 -14.96 -0.14 -14.83
N GLY B 297 -14.77 -1.09 -13.92
CA GLY B 297 -15.02 -0.85 -12.49
C GLY B 297 -13.80 -0.38 -11.72
N GLU B 298 -12.62 -0.53 -12.33
CA GLU B 298 -11.33 -0.33 -11.64
C GLU B 298 -10.63 1.00 -11.94
N CYS B 299 -9.62 1.31 -11.12
CA CYS B 299 -8.72 2.45 -11.35
C CYS B 299 -7.42 1.96 -11.99
N VAL B 300 -7.51 1.51 -13.24
CA VAL B 300 -6.38 1.02 -14.02
C VAL B 300 -5.43 2.17 -14.40
N PRO B 301 -4.10 1.95 -14.30
CA PRO B 301 -3.11 2.94 -14.76
C PRO B 301 -3.15 3.18 -16.26
N CYS B 302 -2.81 4.40 -16.68
CA CYS B 302 -2.87 4.80 -18.09
C CYS B 302 -1.75 4.22 -18.95
N ASN B 303 -2.09 3.93 -20.21
CA ASN B 303 -1.14 3.40 -21.19
C ASN B 303 0.03 4.38 -21.42
N GLY B 304 -0.27 5.52 -22.02
CA GLY B 304 0.69 6.60 -22.14
C GLY B 304 0.29 7.75 -21.22
N PRO B 305 -0.35 8.79 -21.78
CA PRO B 305 -0.82 9.92 -20.97
C PRO B 305 -2.16 9.63 -20.30
N CYS B 306 -2.36 10.21 -19.11
CA CYS B 306 -3.66 10.13 -18.43
C CYS B 306 -4.55 11.30 -18.84
N PRO B 307 -5.80 11.00 -19.25
CA PRO B 307 -6.72 12.01 -19.80
C PRO B 307 -7.08 13.07 -18.76
N LYS B 308 -6.91 14.35 -19.12
CA LYS B 308 -7.17 15.48 -18.23
C LYS B 308 -8.38 15.24 -17.33
N THR B 309 -8.11 15.21 -16.03
CA THR B 309 -9.17 15.09 -15.03
C THR B 309 -9.84 16.45 -14.83
N CYS B 310 -11.09 16.44 -14.36
CA CYS B 310 -11.84 17.68 -14.23
C CYS B 310 -12.48 17.84 -12.86
N PRO B 311 -11.72 18.37 -11.88
CA PRO B 311 -12.15 18.45 -10.49
C PRO B 311 -13.36 19.35 -10.28
N GLY B 312 -14.30 18.86 -9.49
CA GLY B 312 -15.50 19.60 -9.14
C GLY B 312 -15.16 20.75 -8.23
N VAL B 313 -16.08 21.70 -8.13
CA VAL B 313 -15.89 22.89 -7.32
C VAL B 313 -16.87 22.94 -6.17
N THR B 314 -16.43 23.59 -5.09
CA THR B 314 -17.26 23.77 -3.90
C THR B 314 -18.46 24.68 -4.20
N VAL B 315 -18.24 25.72 -5.00
CA VAL B 315 -19.30 26.55 -5.56
C VAL B 315 -18.85 27.04 -6.94
N LEU B 316 -19.75 26.99 -7.93
CA LEU B 316 -19.42 27.43 -9.27
C LEU B 316 -19.51 28.94 -9.36
N HIS B 317 -18.49 29.58 -9.91
CA HIS B 317 -18.51 31.02 -10.11
C HIS B 317 -17.71 31.45 -11.34
N ALA B 318 -17.78 32.74 -11.67
CA ALA B 318 -17.12 33.28 -12.85
C ALA B 318 -15.61 33.07 -12.81
N GLY B 319 -15.06 32.81 -11.63
CA GLY B 319 -13.64 32.62 -11.45
C GLY B 319 -13.16 31.23 -11.79
N ASN B 320 -14.05 30.23 -11.63
CA ASN B 320 -13.68 28.83 -11.83
C ASN B 320 -14.35 28.11 -13.01
N ILE B 321 -15.34 28.76 -13.64
CA ILE B 321 -16.09 28.13 -14.73
C ILE B 321 -15.21 27.72 -15.93
N ASP B 322 -14.15 28.48 -16.18
CA ASP B 322 -13.27 28.21 -17.32
C ASP B 322 -12.57 26.86 -17.26
N SER B 323 -12.34 26.36 -16.04
CA SER B 323 -11.69 25.07 -15.83
C SER B 323 -12.50 23.90 -16.39
N PHE B 324 -13.82 24.09 -16.46
CA PHE B 324 -14.72 23.02 -16.88
C PHE B 324 -14.87 22.89 -18.38
N ARG B 325 -14.26 23.81 -19.12
CA ARG B 325 -14.28 23.78 -20.59
C ARG B 325 -13.74 22.47 -21.14
N ASN B 326 -14.52 21.86 -22.05
CA ASN B 326 -14.11 20.64 -22.75
C ASN B 326 -13.95 19.44 -21.80
N CYS B 327 -14.81 19.34 -20.80
CA CYS B 327 -14.76 18.22 -19.86
C CYS B 327 -15.89 17.21 -20.08
N THR B 328 -15.58 15.94 -19.91
CA THR B 328 -16.53 14.87 -20.14
C THR B 328 -17.03 14.32 -18.82
N VAL B 329 -16.10 14.07 -17.91
CA VAL B 329 -16.42 13.56 -16.58
C VAL B 329 -16.00 14.59 -15.53
N ILE B 330 -16.97 15.08 -14.76
CA ILE B 330 -16.68 15.96 -13.64
C ILE B 330 -16.45 15.10 -12.41
N ASP B 331 -15.21 15.14 -11.92
CA ASP B 331 -14.84 14.45 -10.70
C ASP B 331 -15.13 15.40 -9.56
N GLY B 332 -16.00 15.00 -8.66
CA GLY B 332 -16.54 15.89 -7.64
C GLY B 332 -17.96 16.27 -8.01
N ASN B 333 -18.43 17.41 -7.49
CA ASN B 333 -19.80 17.84 -7.76
C ASN B 333 -19.96 19.23 -8.38
N ILE B 334 -21.17 19.53 -8.82
CA ILE B 334 -21.53 20.83 -9.40
C ILE B 334 -22.65 21.47 -8.58
N ARG B 335 -22.32 22.60 -7.98
CA ARG B 335 -23.26 23.39 -7.19
C ARG B 335 -23.38 24.78 -7.80
N ILE B 336 -24.53 25.09 -8.38
CA ILE B 336 -24.74 26.45 -8.83
C ILE B 336 -25.74 27.14 -7.92
N LEU B 337 -25.25 28.14 -7.19
CA LEU B 337 -25.97 28.79 -6.10
C LEU B 337 -26.35 30.21 -6.51
N ASP B 338 -27.15 30.89 -5.71
CA ASP B 338 -27.52 32.28 -6.00
C ASP B 338 -26.30 33.14 -6.29
N GLN B 339 -25.30 33.04 -5.42
CA GLN B 339 -24.06 33.82 -5.51
C GLN B 339 -23.30 33.59 -6.81
N THR B 340 -23.58 32.46 -7.46
CA THR B 340 -22.98 32.12 -8.74
C THR B 340 -23.34 33.19 -9.77
N PHE B 341 -24.63 33.50 -9.86
CA PHE B 341 -25.13 34.45 -10.84
C PHE B 341 -24.90 35.90 -10.42
N SER B 342 -25.01 36.18 -9.13
CA SER B 342 -24.85 37.53 -8.63
C SER B 342 -23.40 37.96 -8.41
N GLY B 343 -22.50 36.98 -8.33
CA GLY B 343 -21.09 37.25 -8.09
C GLY B 343 -20.86 37.53 -6.62
N PHE B 344 -19.63 37.40 -6.17
CA PHE B 344 -19.29 37.59 -4.76
C PHE B 344 -17.79 37.79 -4.53
N GLN B 345 -17.45 38.29 -3.35
CA GLN B 345 -16.07 38.41 -2.91
C GLN B 345 -15.62 37.06 -2.35
N ASP B 346 -14.41 36.63 -2.70
CA ASP B 346 -13.88 35.40 -2.12
C ASP B 346 -13.17 35.70 -0.81
N VAL B 347 -13.04 34.69 0.06
CA VAL B 347 -12.25 34.82 1.27
C VAL B 347 -11.16 33.76 1.31
N TYR B 348 -9.91 34.20 1.44
CA TYR B 348 -8.79 33.29 1.63
C TYR B 348 -8.95 32.55 2.96
N ALA B 349 -8.34 31.38 3.07
CA ALA B 349 -8.43 30.54 4.26
C ALA B 349 -7.95 31.24 5.56
N ASN B 350 -7.08 32.23 5.42
CA ASN B 350 -6.60 33.00 6.57
C ASN B 350 -7.47 34.22 6.94
N TYR B 351 -8.76 34.16 6.56
CA TYR B 351 -9.78 35.19 6.87
C TYR B 351 -9.41 36.65 6.55
N THR B 352 -8.68 36.82 5.45
CA THR B 352 -8.54 38.13 4.81
C THR B 352 -9.33 38.05 3.49
N MET B 353 -9.88 39.17 3.05
CA MET B 353 -10.68 39.21 1.83
C MET B 353 -9.85 38.90 0.60
N GLY B 354 -10.41 38.09 -0.30
CA GLY B 354 -9.70 37.65 -1.50
C GLY B 354 -10.05 38.50 -2.71
N PRO B 355 -10.17 37.87 -3.89
CA PRO B 355 -10.59 38.57 -5.10
C PRO B 355 -12.10 38.50 -5.32
N ARG B 356 -12.69 39.57 -5.86
CA ARG B 356 -14.11 39.58 -6.17
CA ARG B 356 -14.10 39.60 -6.19
C ARG B 356 -14.37 38.95 -7.54
N TYR B 357 -15.44 38.16 -7.62
CA TYR B 357 -15.85 37.52 -8.87
C TYR B 357 -17.02 38.26 -9.48
N ILE B 358 -16.94 38.48 -10.79
CA ILE B 358 -18.01 39.14 -11.53
C ILE B 358 -19.22 38.21 -11.56
N PRO B 359 -20.43 38.78 -11.73
CA PRO B 359 -21.63 37.98 -11.92
C PRO B 359 -21.49 37.04 -13.12
N LEU B 360 -22.00 35.81 -12.96
CA LEU B 360 -21.93 34.83 -14.03
C LEU B 360 -23.17 34.97 -14.88
N ASP B 361 -22.96 34.90 -16.19
CA ASP B 361 -24.06 34.93 -17.13
C ASP B 361 -24.48 33.49 -17.44
N PRO B 362 -25.78 33.18 -17.31
CA PRO B 362 -26.25 31.81 -17.57
C PRO B 362 -25.79 31.25 -18.93
N GLU B 363 -25.60 32.14 -19.90
CA GLU B 363 -25.13 31.73 -21.23
C GLU B 363 -23.79 31.01 -21.17
N ARG B 364 -23.02 31.28 -20.13
CA ARG B 364 -21.68 30.71 -19.96
C ARG B 364 -21.68 29.29 -19.44
N LEU B 365 -22.85 28.81 -19.02
CA LEU B 365 -22.95 27.44 -18.53
C LEU B 365 -22.88 26.42 -19.67
N GLU B 366 -22.96 26.92 -20.90
CA GLU B 366 -22.83 26.09 -22.10
C GLU B 366 -21.55 25.28 -22.08
N VAL B 367 -20.61 25.70 -21.25
CA VAL B 367 -19.37 24.98 -21.00
C VAL B 367 -19.63 23.51 -20.67
N PHE B 368 -20.72 23.25 -19.96
CA PHE B 368 -21.06 21.90 -19.52
C PHE B 368 -21.71 21.02 -20.59
N SER B 369 -21.92 21.57 -21.79
CA SER B 369 -22.58 20.83 -22.87
C SER B 369 -21.77 19.61 -23.27
N THR B 370 -20.46 19.64 -23.01
CA THR B 370 -19.59 18.51 -23.29
C THR B 370 -19.64 17.47 -22.17
N VAL B 371 -20.10 17.88 -20.99
CA VAL B 371 -20.14 17.00 -19.82
C VAL B 371 -21.14 15.86 -19.99
N LYS B 372 -20.68 14.64 -19.72
CA LYS B 372 -21.47 13.42 -19.84
C LYS B 372 -21.74 12.75 -18.50
N GLU B 373 -20.77 12.83 -17.59
CA GLU B 373 -20.91 12.20 -16.26
C GLU B 373 -20.55 13.15 -15.12
N ILE B 374 -21.30 13.05 -14.02
CA ILE B 374 -21.00 13.76 -12.78
C ILE B 374 -20.84 12.71 -11.67
N THR B 375 -19.65 12.65 -11.09
CA THR B 375 -19.33 11.61 -10.11
C THR B 375 -19.92 11.89 -8.72
N GLY B 376 -20.03 13.17 -8.37
CA GLY B 376 -20.66 13.57 -7.11
C GLY B 376 -22.15 13.77 -7.28
N TYR B 377 -22.66 14.87 -6.71
CA TYR B 377 -24.07 15.22 -6.84
C TYR B 377 -24.26 16.52 -7.64
N LEU B 378 -25.46 16.72 -8.16
CA LEU B 378 -25.80 17.95 -8.87
C LEU B 378 -26.75 18.79 -8.04
N ASN B 379 -26.34 20.02 -7.75
CA ASN B 379 -27.13 20.94 -6.92
C ASN B 379 -27.40 22.26 -7.63
N ILE B 380 -28.68 22.54 -7.87
CA ILE B 380 -29.08 23.77 -8.54
C ILE B 380 -30.04 24.58 -7.66
N GLU B 381 -29.54 25.71 -7.17
CA GLU B 381 -30.30 26.56 -6.27
C GLU B 381 -30.33 28.00 -6.76
N GLY B 382 -29.52 28.27 -7.79
CA GLY B 382 -29.32 29.62 -8.29
C GLY B 382 -30.51 30.23 -8.98
N THR B 383 -30.65 31.55 -8.84
CA THR B 383 -31.81 32.26 -9.38
C THR B 383 -31.39 33.39 -10.31
N HIS B 384 -31.97 33.39 -11.51
CA HIS B 384 -31.65 34.38 -12.55
C HIS B 384 -32.70 34.39 -13.66
N PRO B 385 -33.12 35.59 -14.11
CA PRO B 385 -34.15 35.76 -15.15
C PRO B 385 -33.90 34.94 -16.43
N GLN B 386 -32.65 34.79 -16.83
CA GLN B 386 -32.30 34.04 -18.04
C GLN B 386 -31.92 32.59 -17.76
N PHE B 387 -31.85 32.22 -16.48
CA PHE B 387 -31.58 30.84 -16.08
C PHE B 387 -32.90 30.08 -16.02
N ARG B 388 -33.35 29.60 -17.17
CA ARG B 388 -34.69 29.03 -17.33
C ARG B 388 -34.73 27.51 -17.41
N ASN B 389 -33.72 26.91 -18.04
CA ASN B 389 -33.63 25.47 -18.13
C ASN B 389 -32.23 24.96 -17.83
N LEU B 390 -31.99 23.68 -18.08
CA LEU B 390 -30.75 23.05 -17.70
C LEU B 390 -30.16 22.33 -18.92
N SER B 391 -30.46 22.88 -20.09
CA SER B 391 -30.01 22.31 -21.36
C SER B 391 -28.49 22.36 -21.51
N TYR B 392 -27.82 23.03 -20.58
CA TYR B 392 -26.37 23.01 -20.50
C TYR B 392 -25.89 21.60 -20.16
N PHE B 393 -26.76 20.82 -19.50
CA PHE B 393 -26.45 19.43 -19.16
C PHE B 393 -27.21 18.43 -20.05
N ARG B 394 -27.47 18.83 -21.30
CA ARG B 394 -28.24 18.01 -22.23
C ARG B 394 -27.52 16.71 -22.60
N ASN B 395 -26.20 16.71 -22.55
CA ASN B 395 -25.43 15.53 -22.86
C ASN B 395 -24.99 14.77 -21.61
N LEU B 396 -25.33 15.33 -20.45
CA LEU B 396 -25.15 14.63 -19.17
C LEU B 396 -26.07 13.43 -19.14
N GLU B 397 -25.48 12.25 -18.97
CA GLU B 397 -26.25 11.00 -18.98
C GLU B 397 -26.34 10.31 -17.62
N THR B 398 -25.29 10.41 -16.81
CA THR B 398 -25.29 9.79 -15.48
C THR B 398 -24.75 10.70 -14.37
N ILE B 399 -25.48 10.76 -13.26
CA ILE B 399 -25.00 11.36 -12.02
C ILE B 399 -24.69 10.20 -11.06
N HIS B 400 -23.41 9.96 -10.81
CA HIS B 400 -23.00 8.76 -10.06
C HIS B 400 -23.40 8.78 -8.59
N GLY B 401 -23.42 9.96 -7.99
CA GLY B 401 -23.78 10.11 -6.59
C GLY B 401 -22.83 9.43 -5.62
N ARG B 402 -21.52 9.55 -5.90
CA ARG B 402 -20.49 8.99 -5.02
C ARG B 402 -20.30 9.87 -3.80
N GLN B 403 -20.91 11.05 -3.86
CA GLN B 403 -20.92 11.99 -2.76
C GLN B 403 -22.31 12.61 -2.77
N LEU B 404 -22.96 12.64 -1.62
CA LEU B 404 -24.35 13.12 -1.54
C LEU B 404 -24.47 14.42 -0.78
N MET B 405 -25.65 15.04 -0.85
CA MET B 405 -25.85 16.33 -0.21
C MET B 405 -26.91 16.31 0.88
N GLU B 406 -26.53 16.83 2.04
CA GLU B 406 -27.42 17.04 3.20
C GLU B 406 -27.99 15.76 3.80
N SER B 407 -28.78 15.91 4.86
CA SER B 407 -29.38 14.77 5.56
C SER B 407 -30.46 14.06 4.73
N MET B 408 -30.86 14.71 3.65
CA MET B 408 -31.77 14.14 2.67
C MET B 408 -31.06 13.06 1.83
N PHE B 409 -29.73 13.14 1.78
CA PHE B 409 -28.86 12.27 0.97
C PHE B 409 -29.13 12.39 -0.53
N ALA B 410 -29.03 13.62 -1.03
CA ALA B 410 -29.44 13.95 -2.38
C ALA B 410 -28.35 13.75 -3.41
N ALA B 411 -28.70 13.10 -4.52
CA ALA B 411 -27.83 13.03 -5.69
C ALA B 411 -28.14 14.17 -6.67
N LEU B 412 -29.40 14.54 -6.75
CA LEU B 412 -29.83 15.71 -7.52
C LEU B 412 -30.75 16.58 -6.66
N ALA B 413 -30.31 17.80 -6.39
CA ALA B 413 -31.08 18.72 -5.57
C ALA B 413 -31.33 20.02 -6.31
N ILE B 414 -32.60 20.29 -6.57
CA ILE B 414 -33.02 21.52 -7.22
C ILE B 414 -33.97 22.25 -6.25
N VAL B 415 -33.42 23.24 -5.55
CA VAL B 415 -34.17 23.93 -4.50
C VAL B 415 -34.21 25.42 -4.77
N LYS B 416 -35.44 25.94 -4.87
CA LYS B 416 -35.69 27.38 -5.09
C LYS B 416 -34.95 28.00 -6.28
N SER B 417 -34.72 27.21 -7.32
CA SER B 417 -34.08 27.71 -8.54
C SER B 417 -35.09 28.50 -9.36
N SER B 418 -34.59 29.25 -10.34
CA SER B 418 -35.44 30.05 -11.22
C SER B 418 -35.87 29.26 -12.46
N LEU B 419 -35.67 27.94 -12.42
CA LEU B 419 -35.92 27.08 -13.57
C LEU B 419 -37.40 26.97 -13.97
N TYR B 420 -37.60 26.80 -15.27
CA TYR B 420 -38.92 26.58 -15.85
C TYR B 420 -39.03 25.13 -16.30
N SER B 421 -37.97 24.60 -16.91
CA SER B 421 -37.91 23.18 -17.30
C SER B 421 -36.51 22.60 -17.10
N LEU B 422 -36.39 21.28 -17.17
CA LEU B 422 -35.10 20.63 -16.97
C LEU B 422 -34.30 20.48 -18.27
N GLU B 423 -34.90 19.85 -19.28
CA GLU B 423 -34.27 19.74 -20.62
C GLU B 423 -33.07 18.79 -20.71
N MET B 424 -32.79 18.07 -19.63
CA MET B 424 -31.68 17.10 -19.58
C MET B 424 -32.03 15.81 -20.31
N ARG B 425 -32.06 15.86 -21.65
CA ARG B 425 -32.47 14.76 -22.52
C ARG B 425 -31.83 13.42 -22.24
N ASN B 426 -30.52 13.43 -22.02
CA ASN B 426 -29.74 12.19 -21.99
C ASN B 426 -29.60 11.57 -20.62
N LEU B 427 -30.02 12.29 -19.58
CA LEU B 427 -29.95 11.77 -18.21
C LEU B 427 -30.71 10.46 -18.10
N LYS B 428 -29.96 9.37 -18.11
CA LYS B 428 -30.51 8.03 -18.06
C LYS B 428 -30.45 7.42 -16.67
N GLN B 429 -29.46 7.83 -15.88
CA GLN B 429 -29.22 7.17 -14.60
C GLN B 429 -28.73 8.07 -13.46
N ILE B 430 -29.31 7.83 -12.28
CA ILE B 430 -28.77 8.33 -11.02
C ILE B 430 -28.39 7.10 -10.21
N SER B 431 -27.08 6.87 -10.09
CA SER B 431 -26.55 5.59 -9.57
C SER B 431 -26.81 5.34 -8.09
N SER B 432 -26.79 6.41 -7.30
CA SER B 432 -26.95 6.32 -5.86
C SER B 432 -27.42 7.66 -5.32
N GLY B 433 -28.25 7.62 -4.27
CA GLY B 433 -28.74 8.83 -3.64
C GLY B 433 -30.08 9.28 -4.18
N SER B 434 -30.66 10.29 -3.55
CA SER B 434 -32.04 10.67 -3.79
C SER B 434 -32.23 11.85 -4.74
N VAL B 435 -33.43 11.98 -5.28
CA VAL B 435 -33.86 13.16 -5.99
C VAL B 435 -34.63 14.03 -5.00
N VAL B 436 -34.28 15.31 -4.95
CA VAL B 436 -35.04 16.28 -4.18
C VAL B 436 -35.20 17.57 -4.99
N ILE B 437 -36.46 17.90 -5.28
CA ILE B 437 -36.83 19.05 -6.10
C ILE B 437 -37.98 19.73 -5.38
N GLN B 438 -37.73 20.92 -4.82
CA GLN B 438 -38.78 21.62 -4.07
C GLN B 438 -38.69 23.13 -4.10
N HIS B 439 -39.86 23.77 -4.02
CA HIS B 439 -40.01 25.23 -4.01
C HIS B 439 -39.45 25.96 -5.24
N ASN B 440 -39.50 25.30 -6.40
CA ASN B 440 -39.20 25.96 -7.67
C ASN B 440 -40.50 26.49 -8.28
N ARG B 441 -40.81 27.75 -8.01
CA ARG B 441 -42.15 28.30 -8.28
C ARG B 441 -42.60 28.26 -9.74
N ASP B 442 -41.65 28.16 -10.68
CA ASP B 442 -41.96 28.16 -12.11
C ASP B 442 -41.73 26.84 -12.84
N LEU B 443 -41.05 25.91 -12.17
CA LEU B 443 -40.62 24.66 -12.79
C LEU B 443 -41.77 23.67 -13.04
N CYS B 444 -41.86 23.20 -14.29
CA CYS B 444 -42.84 22.19 -14.68
C CYS B 444 -42.18 20.83 -14.87
N TYR B 445 -42.97 19.85 -15.30
CA TYR B 445 -42.49 18.51 -15.68
C TYR B 445 -42.06 17.61 -14.53
N VAL B 446 -41.46 18.20 -13.51
CA VAL B 446 -40.83 17.46 -12.42
C VAL B 446 -41.74 16.51 -11.61
N SER B 447 -42.99 16.89 -11.41
CA SER B 447 -43.92 16.01 -10.70
C SER B 447 -44.43 14.87 -11.59
N ASN B 448 -44.36 15.05 -12.90
CA ASN B 448 -44.78 14.03 -13.86
C ASN B 448 -43.66 13.09 -14.32
N ILE B 449 -42.43 13.39 -13.93
CA ILE B 449 -41.28 12.52 -14.24
C ILE B 449 -41.29 11.35 -13.28
N ARG B 450 -41.34 10.13 -13.81
CA ARG B 450 -41.24 8.93 -12.99
C ARG B 450 -39.77 8.70 -12.69
N TRP B 451 -39.34 9.24 -11.54
CA TRP B 451 -37.92 9.26 -11.18
C TRP B 451 -37.29 7.88 -10.91
N PRO B 452 -38.05 6.94 -10.30
CA PRO B 452 -37.57 5.56 -10.17
C PRO B 452 -36.93 5.00 -11.43
N ALA B 453 -37.47 5.37 -12.60
CA ALA B 453 -36.93 4.94 -13.90
C ALA B 453 -35.47 5.32 -14.08
N ILE B 454 -35.12 6.51 -13.60
CA ILE B 454 -33.76 7.05 -13.73
C ILE B 454 -32.85 6.53 -12.64
N GLN B 455 -33.41 6.32 -11.45
CA GLN B 455 -32.63 5.83 -10.31
C GLN B 455 -32.27 4.35 -10.47
N LYS B 456 -31.06 4.00 -10.07
CA LYS B 456 -30.51 2.66 -10.27
C LYS B 456 -31.18 1.60 -9.41
N GLU B 457 -31.44 1.93 -8.15
CA GLU B 457 -32.05 1.01 -7.18
C GLU B 457 -33.38 1.54 -6.64
N PRO B 458 -34.34 0.64 -6.36
CA PRO B 458 -35.67 1.09 -5.91
C PRO B 458 -35.68 1.58 -4.46
N GLU B 459 -34.60 1.27 -3.72
CA GLU B 459 -34.43 1.74 -2.35
C GLU B 459 -34.19 3.25 -2.28
N GLN B 460 -33.64 3.81 -3.37
CA GLN B 460 -33.41 5.25 -3.50
C GLN B 460 -34.74 6.02 -3.46
N LYS B 461 -34.73 7.16 -2.80
CA LYS B 461 -35.96 7.93 -2.56
C LYS B 461 -36.12 9.15 -3.47
N VAL B 462 -37.33 9.71 -3.50
CA VAL B 462 -37.57 10.97 -4.21
C VAL B 462 -38.44 11.94 -3.39
N TRP B 463 -38.06 13.22 -3.42
CA TRP B 463 -38.86 14.28 -2.83
C TRP B 463 -39.18 15.30 -3.92
N VAL B 464 -40.45 15.41 -4.29
CA VAL B 464 -40.89 16.44 -5.24
C VAL B 464 -42.05 17.22 -4.64
N ASN B 465 -41.78 18.45 -4.21
CA ASN B 465 -42.78 19.28 -3.55
C ASN B 465 -42.71 20.75 -3.92
N GLU B 466 -43.85 21.44 -3.87
CA GLU B 466 -43.92 22.90 -3.98
C GLU B 466 -43.40 23.56 -5.27
N ASN B 467 -43.34 22.78 -6.36
CA ASN B 467 -43.01 23.32 -7.67
C ASN B 467 -44.29 23.80 -8.36
N LEU B 468 -44.17 24.47 -9.50
CA LEU B 468 -45.36 24.93 -10.25
C LEU B 468 -46.35 23.78 -10.38
N ARG B 469 -47.55 24.02 -9.85
CA ARG B 469 -48.61 23.02 -9.81
C ARG B 469 -48.93 22.40 -11.16
N ALA B 470 -49.10 21.07 -11.16
CA ALA B 470 -49.36 20.29 -12.37
C ALA B 470 -50.55 20.81 -13.21
N ASP B 471 -51.59 21.32 -12.54
CA ASP B 471 -52.76 21.87 -13.20
C ASP B 471 -52.40 23.15 -13.95
N LEU B 472 -51.50 23.93 -13.37
CA LEU B 472 -51.13 25.22 -13.95
C LEU B 472 -50.14 25.09 -15.10
N CYS B 473 -49.40 23.98 -15.13
CA CYS B 473 -48.56 23.64 -16.26
C CYS B 473 -49.42 23.18 -17.44
N GLU B 474 -50.48 22.45 -17.13
CA GLU B 474 -51.38 21.89 -18.14
C GLU B 474 -52.13 22.99 -18.88
N LYS B 475 -52.63 23.96 -18.14
CA LYS B 475 -53.34 25.09 -18.73
C LYS B 475 -52.42 25.93 -19.61
N ASN B 476 -51.16 26.04 -19.21
CA ASN B 476 -50.14 26.68 -20.04
C ASN B 476 -49.75 25.83 -21.24
N GLY B 477 -50.00 24.53 -21.12
CA GLY B 477 -49.67 23.60 -22.20
C GLY B 477 -48.21 23.20 -22.19
N THR B 478 -47.51 23.55 -21.12
CA THR B 478 -46.13 23.13 -20.92
C THR B 478 -46.11 21.72 -20.35
N ILE B 479 -46.72 20.78 -21.07
CA ILE B 479 -46.78 19.38 -20.67
C ILE B 479 -46.03 18.50 -21.66
N CYS B 480 -45.94 17.21 -21.36
CA CYS B 480 -45.26 16.25 -22.23
C CYS B 480 -45.88 16.19 -23.62
N SER B 481 -45.09 15.74 -24.59
CA SER B 481 -45.59 15.43 -25.92
C SER B 481 -46.58 14.25 -25.87
N ASP B 482 -47.21 13.96 -27.00
CA ASP B 482 -48.06 12.78 -27.11
C ASP B 482 -47.24 11.53 -27.39
N GLN B 483 -45.96 11.73 -27.68
CA GLN B 483 -45.08 10.64 -28.09
C GLN B 483 -44.30 10.03 -26.92
N CYS B 484 -44.36 10.69 -25.77
CA CYS B 484 -43.77 10.17 -24.54
C CYS B 484 -44.72 9.20 -23.89
N ASN B 485 -44.18 8.17 -23.24
CA ASN B 485 -44.99 7.24 -22.45
C ASN B 485 -45.26 7.81 -21.04
N GLU B 486 -45.76 6.95 -20.15
CA GLU B 486 -46.10 7.35 -18.78
C GLU B 486 -44.88 7.77 -17.94
N ASP B 487 -43.67 7.62 -18.49
CA ASP B 487 -42.44 7.96 -17.76
C ASP B 487 -42.18 9.46 -17.66
N GLY B 488 -42.99 10.27 -18.33
CA GLY B 488 -42.81 11.71 -18.30
C GLY B 488 -41.75 12.21 -19.24
N CYS B 489 -41.36 13.47 -19.08
CA CYS B 489 -40.42 14.13 -19.98
C CYS B 489 -39.68 15.26 -19.30
N TRP B 490 -38.51 15.61 -19.84
CA TRP B 490 -37.68 16.67 -19.27
C TRP B 490 -38.11 18.06 -19.72
N GLY B 491 -38.81 18.13 -20.85
CA GLY B 491 -39.28 19.39 -21.41
C GLY B 491 -40.52 19.21 -22.27
N ALA B 492 -40.81 20.19 -23.13
CA ALA B 492 -42.00 20.16 -23.96
C ALA B 492 -41.78 19.40 -25.26
N GLY B 493 -40.55 19.46 -25.78
CA GLY B 493 -40.22 18.96 -27.11
C GLY B 493 -40.30 17.45 -27.26
N THR B 494 -40.33 17.00 -28.51
CA THR B 494 -40.43 15.58 -28.85
C THR B 494 -39.17 14.78 -28.53
N ASP B 495 -38.05 15.49 -28.32
CA ASP B 495 -36.78 14.86 -28.00
C ASP B 495 -36.53 14.73 -26.50
N GLN B 496 -37.55 15.06 -25.70
CA GLN B 496 -37.41 15.18 -24.25
C GLN B 496 -38.08 14.05 -23.46
N CYS B 497 -38.59 13.03 -24.15
CA CYS B 497 -39.26 11.91 -23.48
C CYS B 497 -38.25 10.99 -22.83
N LEU B 498 -38.55 10.53 -21.62
CA LEU B 498 -37.72 9.56 -20.93
C LEU B 498 -37.68 8.26 -21.73
N ASN B 499 -38.86 7.82 -22.16
CA ASN B 499 -39.02 6.70 -23.08
C ASN B 499 -40.05 7.03 -24.14
N CYS B 500 -39.77 6.62 -25.38
CA CYS B 500 -40.74 6.82 -26.44
C CYS B 500 -41.91 5.86 -26.29
N LYS B 501 -43.11 6.39 -26.50
CA LYS B 501 -44.35 5.61 -26.45
C LYS B 501 -44.35 4.54 -27.53
N ASN B 502 -43.85 4.90 -28.72
CA ASN B 502 -43.83 4.01 -29.86
C ASN B 502 -42.45 3.94 -30.55
N PHE B 503 -42.20 4.84 -31.50
CA PHE B 503 -40.96 4.80 -32.28
C PHE B 503 -39.97 5.90 -31.91
N ASN B 504 -38.68 5.55 -31.97
CA ASN B 504 -37.59 6.46 -31.62
C ASN B 504 -36.66 6.69 -32.81
N PHE B 505 -36.56 7.94 -33.24
CA PHE B 505 -35.72 8.30 -34.38
C PHE B 505 -34.78 9.44 -34.06
N ASN B 506 -33.50 9.13 -33.88
CA ASN B 506 -32.47 10.12 -33.57
C ASN B 506 -32.82 10.92 -32.31
N GLY B 507 -33.03 10.21 -31.21
CA GLY B 507 -33.39 10.82 -29.93
C GLY B 507 -34.74 11.53 -29.91
N THR B 508 -35.52 11.35 -30.98
CA THR B 508 -36.83 11.96 -31.13
C THR B 508 -37.89 10.87 -31.13
N CYS B 509 -39.01 11.12 -30.46
CA CYS B 509 -40.11 10.17 -30.43
C CYS B 509 -41.14 10.46 -31.53
N ILE B 510 -41.37 9.46 -32.40
CA ILE B 510 -42.27 9.59 -33.54
C ILE B 510 -43.31 8.47 -33.49
N ALA B 511 -44.42 8.65 -34.21
CA ALA B 511 -45.50 7.67 -34.24
C ALA B 511 -45.29 6.60 -35.32
N ASP B 512 -44.67 7.00 -36.43
CA ASP B 512 -44.52 6.15 -37.61
C ASP B 512 -43.33 6.65 -38.43
N CYS B 513 -42.42 5.74 -38.77
CA CYS B 513 -41.18 6.11 -39.49
C CYS B 513 -41.44 6.63 -40.90
N GLY B 514 -42.63 6.35 -41.43
CA GLY B 514 -43.02 6.78 -42.77
C GLY B 514 -43.13 8.29 -42.94
N TYR B 515 -43.29 9.01 -41.83
CA TYR B 515 -43.40 10.46 -41.84
C TYR B 515 -42.10 11.17 -42.19
N ILE B 516 -40.99 10.70 -41.63
CA ILE B 516 -39.69 11.33 -41.83
C ILE B 516 -39.04 11.04 -43.20
N SER B 517 -39.77 10.38 -44.10
CA SER B 517 -39.32 10.03 -45.46
C SER B 517 -38.03 9.22 -45.48
N ASN B 518 -36.96 9.84 -44.98
CA ASN B 518 -35.64 9.25 -44.89
C ASN B 518 -35.52 8.21 -43.78
N ALA B 519 -36.61 8.01 -43.03
CA ALA B 519 -36.61 7.01 -41.96
C ALA B 519 -37.09 5.65 -42.47
N TYR B 520 -36.31 4.63 -42.12
CA TYR B 520 -36.69 3.24 -42.34
C TYR B 520 -36.90 2.58 -40.97
N LYS B 521 -37.78 1.59 -40.92
CA LYS B 521 -38.10 0.89 -39.68
C LYS B 521 -37.02 -0.15 -39.35
N PHE B 522 -36.05 0.24 -38.53
CA PHE B 522 -34.97 -0.64 -38.10
C PHE B 522 -35.46 -1.71 -37.11
N ASP B 523 -36.42 -1.33 -36.27
CA ASP B 523 -36.89 -2.17 -35.17
C ASP B 523 -38.35 -1.83 -34.86
N ASN B 524 -38.94 -2.56 -33.91
CA ASN B 524 -40.30 -2.29 -33.45
C ASN B 524 -40.41 -0.97 -32.67
N ARG B 525 -39.28 -0.49 -32.15
CA ARG B 525 -39.25 0.78 -31.42
C ARG B 525 -38.14 1.73 -31.88
N THR B 526 -37.70 1.56 -33.13
CA THR B 526 -36.61 2.38 -33.67
C THR B 526 -36.81 2.67 -35.15
N CYS B 527 -36.46 3.89 -35.54
CA CYS B 527 -36.30 4.25 -36.96
C CYS B 527 -34.97 4.96 -37.11
N LYS B 528 -34.26 4.67 -38.20
CA LYS B 528 -32.97 5.31 -38.46
C LYS B 528 -32.98 6.09 -39.78
N ILE B 529 -32.15 7.13 -39.85
CA ILE B 529 -32.05 7.96 -41.05
C ILE B 529 -31.42 7.15 -42.18
N CYS B 530 -31.91 7.38 -43.40
CA CYS B 530 -31.40 6.68 -44.57
C CYS B 530 -29.98 7.10 -44.91
N HIS B 531 -29.29 6.23 -45.63
CA HIS B 531 -27.96 6.56 -46.13
C HIS B 531 -28.00 7.83 -46.98
N PRO B 532 -27.00 8.73 -46.80
CA PRO B 532 -26.87 9.98 -47.54
C PRO B 532 -27.26 9.89 -49.03
N GLU B 533 -27.16 8.70 -49.60
CA GLU B 533 -27.40 8.47 -51.04
C GLU B 533 -28.77 8.89 -51.56
N CYS B 534 -29.83 8.25 -51.08
CA CYS B 534 -31.18 8.42 -51.66
C CYS B 534 -32.25 8.89 -50.68
N ARG B 535 -33.48 9.01 -51.19
CA ARG B 535 -34.62 9.49 -50.41
C ARG B 535 -35.18 8.44 -49.45
N THR B 536 -35.90 7.45 -49.98
CA THR B 536 -36.56 6.42 -49.17
C THR B 536 -35.89 5.05 -49.32
N CYS B 537 -35.70 4.35 -48.19
CA CYS B 537 -35.06 3.04 -48.19
C CYS B 537 -35.95 1.96 -47.61
N ASN B 538 -35.83 0.76 -48.16
CA ASN B 538 -36.47 -0.42 -47.62
C ASN B 538 -35.65 -1.00 -46.48
N GLY B 539 -34.42 -0.49 -46.31
CA GLY B 539 -33.50 -0.96 -45.28
C GLY B 539 -32.38 -0.01 -44.92
N ALA B 540 -31.30 -0.57 -44.40
CA ALA B 540 -30.16 0.17 -43.86
C ALA B 540 -28.89 0.01 -44.69
N GLY B 541 -28.72 0.84 -45.71
CA GLY B 541 -27.54 0.76 -46.56
C GLY B 541 -27.47 1.76 -47.70
N ALA B 542 -26.35 1.74 -48.41
CA ALA B 542 -26.08 2.67 -49.52
C ALA B 542 -26.97 2.42 -50.74
N ASP B 543 -26.88 1.22 -51.29
CA ASP B 543 -27.64 0.85 -52.49
C ASP B 543 -29.12 0.57 -52.17
N HIS B 544 -29.40 0.22 -50.92
CA HIS B 544 -30.76 -0.05 -50.46
C HIS B 544 -31.62 1.21 -50.57
N CYS B 545 -32.46 1.26 -51.61
CA CYS B 545 -33.28 2.45 -51.91
C CYS B 545 -34.71 2.09 -52.35
N PHE C 2 -23.97 38.82 26.32
CA PHE C 2 -23.13 38.35 25.18
C PHE C 2 -22.90 39.46 24.14
N PRO C 3 -21.87 40.31 24.38
CA PRO C 3 -21.58 41.47 23.53
C PRO C 3 -21.20 41.13 22.09
N THR C 4 -21.68 41.93 21.14
CA THR C 4 -21.42 41.71 19.71
C THR C 4 -21.14 43.05 19.03
N TYR C 5 -20.11 43.08 18.19
CA TYR C 5 -19.73 44.34 17.53
C TYR C 5 -19.72 44.27 16.00
N LYS C 6 -19.65 45.44 15.36
CA LYS C 6 -19.63 45.54 13.90
C LYS C 6 -18.31 45.04 13.30
N CYS C 7 -18.42 44.38 12.16
CA CYS C 7 -17.27 43.89 11.41
C CYS C 7 -16.53 45.05 10.77
N PRO C 8 -15.21 44.89 10.51
CA PRO C 8 -14.46 45.84 9.69
C PRO C 8 -15.19 46.12 8.37
N GLU C 9 -15.13 47.36 7.90
CA GLU C 9 -15.86 47.78 6.69
C GLU C 9 -15.84 46.72 5.59
N THR C 10 -14.64 46.22 5.28
CA THR C 10 -14.42 45.26 4.22
C THR C 10 -15.23 43.95 4.42
N PHE C 11 -15.37 43.51 5.66
CA PHE C 11 -16.14 42.33 6.02
C PHE C 11 -17.62 42.61 6.13
N ASP C 12 -17.94 43.77 6.72
CA ASP C 12 -19.32 44.22 6.89
C ASP C 12 -20.07 44.25 5.56
N ALA C 13 -19.43 44.82 4.54
CA ALA C 13 -20.02 44.94 3.22
C ALA C 13 -20.05 43.62 2.45
N TRP C 14 -18.94 42.88 2.48
CA TRP C 14 -18.72 41.82 1.50
C TRP C 14 -18.68 40.39 2.02
N TYR C 15 -18.65 40.20 3.35
CA TYR C 15 -18.49 38.85 3.87
C TYR C 15 -19.74 38.00 3.72
N CYS C 16 -20.87 38.53 4.19
CA CYS C 16 -22.10 37.74 4.18
C CYS C 16 -23.06 37.94 3.03
N LEU C 17 -23.40 36.83 2.38
CA LEU C 17 -24.13 36.88 1.12
C LEU C 17 -25.64 36.69 1.31
N ASN C 18 -26.39 37.02 0.26
CA ASN C 18 -27.83 36.82 0.21
C ASN C 18 -28.59 37.61 1.29
N ASP C 19 -28.20 38.88 1.44
CA ASP C 19 -28.88 39.84 2.30
C ASP C 19 -28.84 39.44 3.78
N ALA C 20 -27.66 39.01 4.22
CA ALA C 20 -27.42 38.66 5.60
C ALA C 20 -26.72 39.82 6.32
N HIS C 21 -26.59 39.71 7.63
CA HIS C 21 -25.93 40.75 8.42
C HIS C 21 -24.68 40.20 9.15
N CYS C 22 -23.56 40.90 8.99
CA CYS C 22 -22.30 40.53 9.62
C CYS C 22 -22.28 40.94 11.08
N PHE C 23 -21.91 40.01 11.96
CA PHE C 23 -21.58 40.35 13.35
C PHE C 23 -20.20 39.80 13.70
N ALA C 24 -19.56 40.43 14.68
CA ALA C 24 -18.21 40.04 15.07
C ALA C 24 -18.11 39.82 16.57
N VAL C 25 -17.45 38.73 16.94
CA VAL C 25 -17.13 38.46 18.34
C VAL C 25 -15.64 38.24 18.52
N LYS C 26 -15.11 38.71 19.65
CA LYS C 26 -13.72 38.50 19.99
C LYS C 26 -13.66 37.35 20.98
N ILE C 27 -13.13 36.22 20.54
CA ILE C 27 -12.99 35.06 21.44
C ILE C 27 -11.54 34.61 21.49
N ALA C 28 -11.00 34.55 22.72
CA ALA C 28 -9.57 34.40 22.96
C ALA C 28 -8.77 35.47 22.22
N ASP C 29 -9.13 36.73 22.50
CA ASP C 29 -8.50 37.93 21.90
C ASP C 29 -8.46 37.94 20.36
N LEU C 30 -9.20 37.03 19.73
CA LEU C 30 -9.22 36.93 18.27
C LEU C 30 -10.59 37.28 17.68
N PRO C 31 -10.60 38.03 16.56
CA PRO C 31 -11.87 38.42 15.96
C PRO C 31 -12.44 37.29 15.09
N VAL C 32 -13.67 36.87 15.39
CA VAL C 32 -14.37 35.87 14.60
C VAL C 32 -15.56 36.52 13.90
N TYR C 33 -15.57 36.42 12.57
CA TYR C 33 -16.63 37.03 11.79
C TYR C 33 -17.65 35.97 11.40
N SER C 34 -18.89 36.18 11.81
CA SER C 34 -19.98 35.25 11.52
C SER C 34 -21.24 36.04 11.20
N CYS C 35 -22.34 35.37 10.87
CA CYS C 35 -23.53 36.07 10.37
C CYS C 35 -24.92 35.54 10.67
N GLU C 36 -25.88 36.47 10.70
CA GLU C 36 -27.30 36.16 10.77
C GLU C 36 -27.87 36.07 9.36
N CYS C 37 -28.33 34.89 8.99
CA CYS C 37 -28.89 34.64 7.66
C CYS C 37 -30.32 35.10 7.52
N ALA C 38 -30.66 35.57 6.33
CA ALA C 38 -32.03 35.93 6.01
C ALA C 38 -32.85 34.65 5.88
N ILE C 39 -34.16 34.75 6.12
CA ILE C 39 -35.07 33.61 6.02
C ILE C 39 -34.76 32.78 4.77
N GLY C 40 -34.50 31.49 5.00
CA GLY C 40 -34.31 30.55 3.90
C GLY C 40 -32.87 30.29 3.54
N PHE C 41 -31.92 30.88 4.28
CA PHE C 41 -30.51 30.64 4.03
C PHE C 41 -29.78 30.13 5.26
N MET C 42 -28.72 29.36 5.02
CA MET C 42 -27.87 28.80 6.05
C MET C 42 -26.48 28.55 5.47
N GLY C 43 -25.53 28.20 6.34
CA GLY C 43 -24.13 28.09 5.95
C GLY C 43 -23.37 29.19 6.66
N GLN C 44 -22.07 29.29 6.43
CA GLN C 44 -21.28 30.27 7.15
C GLN C 44 -21.46 31.68 6.60
N ARG C 45 -21.44 31.78 5.27
CA ARG C 45 -21.64 33.07 4.62
C ARG C 45 -23.07 33.21 4.12
N CYS C 46 -23.96 32.38 4.70
CA CYS C 46 -25.38 32.32 4.33
C CYS C 46 -25.56 32.06 2.84
N GLU C 47 -24.84 31.06 2.33
CA GLU C 47 -24.80 30.83 0.89
C GLU C 47 -25.69 29.70 0.41
N TYR C 48 -26.09 28.83 1.33
CA TYR C 48 -26.90 27.67 0.97
C TYR C 48 -28.37 27.87 1.33
N LYS C 49 -29.25 27.44 0.44
CA LYS C 49 -30.69 27.57 0.68
C LYS C 49 -31.21 26.41 1.52
N GLU C 50 -31.99 26.75 2.55
CA GLU C 50 -32.57 25.78 3.47
C GLU C 50 -33.54 24.84 2.76
N ILE C 51 -33.47 23.56 3.11
CA ILE C 51 -34.36 22.56 2.53
C ILE C 51 -35.38 22.08 3.56
N ASP C 52 -36.64 22.03 3.15
CA ASP C 52 -37.72 21.60 4.03
C ASP C 52 -37.74 20.09 4.18
N ASN C 53 -37.67 19.62 5.42
CA ASN C 53 -37.66 18.20 5.73
C ASN C 53 -39.02 17.66 6.23
N THR C 54 -40.03 18.52 6.23
CA THR C 54 -41.36 18.14 6.73
C THR C 54 -42.13 17.28 5.74
N TYR C 55 -41.83 17.41 4.45
CA TYR C 55 -42.53 16.66 3.42
C TYR C 55 -42.10 15.20 3.38
N LEU C 56 -43.07 14.31 3.15
CA LEU C 56 -42.81 12.88 3.02
C LEU C 56 -42.42 12.53 1.59
N PRO C 57 -41.58 11.49 1.42
CA PRO C 57 -41.13 11.07 0.09
C PRO C 57 -42.23 10.43 -0.73
N LYS C 58 -42.09 10.49 -2.06
CA LYS C 58 -43.11 9.98 -2.98
C LYS C 58 -43.06 8.45 -3.13
N PHE D 2 34.28 -39.86 13.36
CA PHE D 2 33.58 -39.71 12.05
C PHE D 2 33.72 -40.98 11.19
N PRO D 3 33.05 -42.08 11.62
CA PRO D 3 33.08 -43.34 10.87
C PRO D 3 31.90 -43.47 9.91
N THR D 4 32.20 -43.55 8.62
CA THR D 4 31.18 -43.58 7.58
C THR D 4 31.11 -44.93 6.84
N TYR D 5 29.90 -45.35 6.50
CA TYR D 5 29.71 -46.58 5.72
C TYR D 5 29.17 -46.32 4.31
N LYS D 6 29.28 -47.32 3.44
CA LYS D 6 28.90 -47.21 2.02
C LYS D 6 27.39 -47.12 1.79
N CYS D 7 27.03 -46.40 0.72
CA CYS D 7 25.65 -46.27 0.26
C CYS D 7 25.32 -47.41 -0.70
N PRO D 8 24.03 -47.83 -0.78
CA PRO D 8 23.61 -48.96 -1.62
C PRO D 8 24.17 -48.90 -3.04
N GLU D 9 24.52 -50.06 -3.59
CA GLU D 9 25.17 -50.14 -4.90
C GLU D 9 24.22 -49.72 -6.04
N THR D 10 22.92 -49.82 -5.80
CA THR D 10 21.92 -49.30 -6.71
C THR D 10 22.04 -47.78 -6.73
N PHE D 11 22.19 -47.20 -5.54
CA PHE D 11 22.27 -45.76 -5.32
C PHE D 11 23.61 -45.17 -5.75
N ASP D 12 24.69 -45.92 -5.52
CA ASP D 12 26.06 -45.48 -5.79
C ASP D 12 26.32 -45.18 -7.26
N ALA D 13 25.78 -46.01 -8.15
CA ALA D 13 26.04 -45.94 -9.59
C ALA D 13 25.60 -44.64 -10.25
N TRP D 14 24.44 -44.13 -9.86
CA TRP D 14 23.86 -42.97 -10.51
C TRP D 14 24.02 -41.64 -9.76
N TYR D 15 23.90 -41.70 -8.43
CA TYR D 15 23.77 -40.47 -7.61
C TYR D 15 24.91 -39.47 -7.71
N CYS D 16 26.10 -39.87 -7.27
CA CYS D 16 27.28 -39.00 -7.27
C CYS D 16 27.87 -38.86 -8.67
N LEU D 17 28.28 -37.65 -9.01
CA LEU D 17 28.74 -37.35 -10.37
C LEU D 17 30.22 -37.01 -10.44
N ASN D 18 30.80 -37.24 -11.61
CA ASN D 18 32.21 -36.92 -11.91
C ASN D 18 33.18 -37.62 -10.97
N ASP D 19 33.13 -38.96 -10.97
CA ASP D 19 33.99 -39.83 -10.15
C ASP D 19 33.99 -39.47 -8.65
N ALA D 20 32.86 -38.97 -8.17
CA ALA D 20 32.71 -38.62 -6.77
C ALA D 20 32.46 -39.86 -5.92
N HIS D 21 32.91 -39.82 -4.67
CA HIS D 21 32.71 -40.91 -3.73
C HIS D 21 31.42 -40.69 -2.92
N CYS D 22 30.49 -41.63 -3.02
CA CYS D 22 29.28 -41.61 -2.20
C CYS D 22 29.59 -42.22 -0.82
N PHE D 23 29.21 -41.51 0.23
CA PHE D 23 29.33 -42.04 1.59
C PHE D 23 28.08 -41.71 2.40
N ALA D 24 27.68 -42.62 3.28
CA ALA D 24 26.46 -42.48 4.05
C ALA D 24 26.74 -42.47 5.56
N VAL D 25 26.08 -41.56 6.26
CA VAL D 25 26.10 -41.53 7.72
C VAL D 25 24.68 -41.48 8.27
N LYS D 26 24.36 -42.42 9.16
CA LYS D 26 23.07 -42.41 9.85
C LYS D 26 23.19 -41.61 11.14
N ILE D 27 22.27 -40.67 11.36
CA ILE D 27 22.21 -39.91 12.62
C ILE D 27 20.90 -40.18 13.36
N ALA D 28 21.03 -40.85 14.50
CA ALA D 28 19.91 -41.44 15.23
C ALA D 28 19.06 -42.34 14.32
N ASP D 29 19.72 -43.36 13.75
CA ASP D 29 19.11 -44.37 12.87
C ASP D 29 18.47 -43.83 11.57
N LEU D 30 18.81 -42.60 11.21
CA LEU D 30 18.31 -41.97 9.98
C LEU D 30 19.44 -41.81 8.96
N PRO D 31 19.42 -42.65 7.90
CA PRO D 31 20.50 -42.68 6.89
C PRO D 31 20.55 -41.43 6.00
N VAL D 32 21.57 -40.60 6.22
CA VAL D 32 21.80 -39.41 5.41
C VAL D 32 22.96 -39.65 4.46
N TYR D 33 22.70 -39.45 3.16
CA TYR D 33 23.67 -39.75 2.12
C TYR D 33 24.34 -38.48 1.61
N SER D 34 25.64 -38.36 1.90
CA SER D 34 26.45 -37.27 1.39
C SER D 34 27.30 -37.74 0.21
N CYS D 35 28.09 -36.84 -0.36
CA CYS D 35 28.73 -37.11 -1.64
C CYS D 35 30.09 -36.39 -1.77
N GLU D 36 31.15 -37.09 -1.38
CA GLU D 36 32.54 -36.58 -1.38
C GLU D 36 33.08 -36.34 -2.80
N CYS D 37 33.41 -35.09 -3.10
CA CYS D 37 33.77 -34.69 -4.47
C CYS D 37 35.22 -34.96 -4.85
N ALA D 38 35.43 -35.15 -6.15
CA ALA D 38 36.78 -35.21 -6.74
C ALA D 38 37.31 -33.79 -6.92
N ILE D 39 38.64 -33.65 -6.90
CA ILE D 39 39.29 -32.33 -6.98
C ILE D 39 38.79 -31.51 -8.16
N GLY D 40 38.37 -30.28 -7.89
CA GLY D 40 37.91 -29.36 -8.94
C GLY D 40 36.43 -29.45 -9.26
N PHE D 41 35.67 -30.14 -8.40
CA PHE D 41 34.22 -30.26 -8.54
C PHE D 41 33.54 -30.08 -7.20
N MET D 42 32.38 -29.41 -7.20
CA MET D 42 31.60 -29.20 -5.98
C MET D 42 30.09 -29.26 -6.24
N GLY D 43 29.32 -29.40 -5.18
CA GLY D 43 27.87 -29.48 -5.28
C GLY D 43 27.29 -30.52 -4.35
N GLN D 44 25.97 -30.67 -4.38
CA GLN D 44 25.28 -31.67 -3.57
C GLN D 44 25.61 -33.07 -4.10
N ARG D 45 25.69 -33.18 -5.43
CA ARG D 45 26.05 -34.41 -6.12
C ARG D 45 27.37 -34.23 -6.88
N CYS D 46 28.07 -33.13 -6.58
CA CYS D 46 29.29 -32.73 -7.29
C CYS D 46 29.02 -32.54 -8.79
N GLU D 47 27.98 -31.78 -9.09
CA GLU D 47 27.55 -31.57 -10.47
C GLU D 47 28.15 -30.32 -11.12
N TYR D 48 28.58 -29.37 -10.30
CA TYR D 48 29.18 -28.13 -10.80
C TYR D 48 30.70 -28.16 -10.66
N LYS D 49 31.39 -27.52 -11.61
CA LYS D 49 32.84 -27.35 -11.51
C LYS D 49 33.17 -26.27 -10.49
N GLU D 50 34.34 -26.36 -9.89
CA GLU D 50 34.70 -25.44 -8.82
C GLU D 50 35.54 -24.27 -9.30
N ILE D 51 35.28 -23.10 -8.74
CA ILE D 51 35.95 -21.87 -9.13
C ILE D 51 37.05 -21.56 -8.13
N ASP D 52 38.21 -21.14 -8.65
CA ASP D 52 39.34 -20.73 -7.81
C ASP D 52 39.18 -19.27 -7.36
N ASN D 53 39.03 -19.07 -6.06
CA ASN D 53 38.81 -17.73 -5.50
C ASN D 53 40.06 -17.08 -4.92
N THR D 54 41.24 -17.62 -5.27
CA THR D 54 42.49 -17.19 -4.67
C THR D 54 43.24 -16.16 -5.52
N TYR D 55 42.82 -15.99 -6.78
CA TYR D 55 43.43 -15.01 -7.66
C TYR D 55 43.09 -13.60 -7.19
N LEU D 56 43.95 -12.65 -7.50
CA LEU D 56 43.67 -11.25 -7.21
C LEU D 56 42.72 -10.71 -8.27
N PRO D 57 41.82 -9.79 -7.88
CA PRO D 57 40.94 -9.16 -8.86
C PRO D 57 41.73 -8.26 -9.81
N LYS D 58 41.20 -8.03 -11.00
CA LYS D 58 41.93 -7.30 -12.05
C LYS D 58 42.13 -5.82 -11.75
C1 NAG E . 44.85 -20.27 -31.89
C2 NAG E . 45.99 -20.23 -30.88
C3 NAG E . 46.22 -21.62 -30.27
C4 NAG E . 44.90 -22.24 -29.82
C5 NAG E . 43.85 -22.15 -30.93
C6 NAG E . 42.49 -22.72 -30.50
C7 NAG E . 48.30 -20.22 -31.96
C8 NAG E . 49.30 -19.27 -32.52
N2 NAG E . 47.19 -19.63 -31.48
O3 NAG E . 47.11 -21.50 -29.18
O4 NAG E . 45.11 -23.59 -29.50
O5 NAG E . 43.69 -20.80 -31.30
O6 NAG E . 41.91 -21.91 -29.51
O7 NAG E . 48.54 -21.44 -31.97
C1 NAG E . 44.95 -23.78 -28.09
C2 NAG E . 44.65 -25.25 -27.88
C3 NAG E . 44.67 -25.64 -26.41
C4 NAG E . 45.88 -25.07 -25.69
C5 NAG E . 45.99 -23.57 -25.98
C6 NAG E . 47.16 -22.87 -25.30
C7 NAG E . 43.24 -26.40 -29.50
C8 NAG E . 41.84 -26.60 -30.02
N2 NAG E . 43.37 -25.55 -28.49
O3 NAG E . 44.68 -27.04 -26.30
O4 NAG E . 45.66 -25.29 -24.33
O5 NAG E . 46.11 -23.39 -27.37
O6 NAG E . 48.36 -23.54 -25.61
O7 NAG E . 44.17 -27.01 -30.02
C1 MAN E . 46.87 -25.70 -23.67
C2 MAN E . 46.74 -25.28 -22.22
C3 MAN E . 47.82 -25.85 -21.31
C4 MAN E . 48.29 -27.24 -21.73
C5 MAN E . 48.40 -27.37 -23.25
C6 MAN E . 48.91 -28.75 -23.69
O2 MAN E . 45.48 -25.68 -21.76
O3 MAN E . 47.19 -26.04 -20.08
O4 MAN E . 49.52 -27.52 -21.09
O5 MAN E . 47.13 -27.08 -23.79
O6 MAN E . 47.88 -29.61 -24.11
C1 MAN E . 47.67 -25.29 -18.93
C2 MAN E . 48.58 -24.10 -19.13
C3 MAN E . 48.97 -23.59 -17.73
C4 MAN E . 48.30 -24.30 -16.51
C5 MAN E . 47.04 -25.13 -16.81
C6 MAN E . 45.91 -25.01 -15.78
O2 MAN E . 47.90 -23.06 -19.80
O3 MAN E . 48.64 -22.21 -17.67
O4 MAN E . 49.10 -25.25 -15.81
O5 MAN E . 46.61 -24.87 -18.11
O6 MAN E . 46.13 -23.95 -14.87
C1 MAN E . 50.50 -25.15 -16.02
C2 MAN E . 51.20 -25.15 -14.66
C3 MAN E . 52.72 -25.15 -14.82
C4 MAN E . 53.19 -26.14 -15.90
C5 MAN E . 52.33 -26.05 -17.16
C6 MAN E . 52.72 -27.10 -18.21
O2 MAN E . 50.75 -26.25 -13.88
O3 MAN E . 53.32 -25.46 -13.57
O4 MAN E . 54.54 -25.88 -16.21
O5 MAN E . 50.97 -26.20 -16.83
O6 MAN E . 52.27 -28.37 -17.82
C1 MAN E . 47.49 -30.50 -23.03
C2 MAN E . 46.33 -31.42 -23.42
C3 MAN E . 45.84 -32.17 -22.19
C4 MAN E . 46.95 -32.61 -21.20
C5 MAN E . 48.20 -31.70 -21.19
C6 MAN E . 49.41 -32.36 -20.51
O2 MAN E . 46.73 -32.32 -24.43
O3 MAN E . 45.09 -33.29 -22.61
O4 MAN E . 46.41 -32.62 -19.90
O5 MAN E . 48.53 -31.29 -22.50
O6 MAN E . 50.37 -32.79 -21.44
C1 NAG F . -34.10 27.22 -22.48
C2 NAG F . -34.75 27.46 -23.83
C3 NAG F . -33.87 28.23 -24.81
C4 NAG F . -32.89 29.24 -24.17
C5 NAG F . -32.39 28.80 -22.79
C6 NAG F . -31.68 29.92 -22.05
C7 NAG F . -36.29 25.63 -24.18
C8 NAG F . -36.54 24.28 -24.81
N2 NAG F . -35.10 26.16 -24.39
O3 NAG F . -34.70 28.96 -25.69
O4 NAG F . -31.81 29.44 -25.06
O5 NAG F . -33.50 28.41 -22.02
O6 NAG F . -31.38 29.50 -20.74
O7 NAG F . -37.18 26.19 -23.51
C1 NAG F . -31.77 30.83 -25.48
C2 NAG F . -30.86 31.00 -26.70
C3 NAG F . -30.69 32.50 -26.91
C4 NAG F . -32.06 33.20 -27.06
C5 NAG F . -33.09 32.77 -26.01
C6 NAG F . -34.50 33.09 -26.49
C7 NAG F . -29.35 29.04 -26.87
C8 NAG F . -27.96 28.53 -26.66
N2 NAG F . -29.57 30.33 -26.56
O3 NAG F . -29.91 32.72 -28.07
O4 NAG F . -31.87 34.60 -27.02
O5 NAG F . -33.05 31.38 -25.75
O6 NAG F . -35.13 34.02 -25.63
O7 NAG F . -30.21 28.28 -27.30
C1 NAG G . -47.94 29.62 -16.65
C2 NAG G . -48.70 29.22 -15.37
C3 NAG G . -48.54 30.28 -14.29
C4 NAG G . -47.07 30.57 -14.05
C5 NAG G . -46.35 30.87 -15.36
C6 NAG G . -44.85 31.07 -15.15
C7 NAG G . -51.04 29.77 -16.10
C8 NAG G . -52.42 29.19 -16.23
N2 NAG G . -50.12 28.93 -15.61
O3 NAG G . -49.16 29.84 -13.11
O4 NAG G . -46.96 31.69 -13.22
O5 NAG G . -46.59 29.84 -16.31
O6 NAG G . -44.21 29.85 -14.81
O7 NAG G . -50.83 30.93 -16.46
C1 NAG G . -46.42 31.33 -11.92
C2 NAG G . -45.81 32.62 -11.37
C3 NAG G . -45.42 32.47 -9.90
C4 NAG G . -46.54 31.82 -9.07
C5 NAG G . -46.98 30.51 -9.74
C6 NAG G . -48.12 29.81 -9.00
C7 NAG G . -44.61 34.04 -13.01
C8 NAG G . -43.32 34.26 -13.75
N2 NAG G . -44.65 33.00 -12.17
O3 NAG G . -45.09 33.74 -9.41
O4 NAG G . -46.03 31.58 -7.76
O5 NAG G . -47.41 30.77 -11.07
O6 NAG G . -49.32 30.52 -9.11
O7 NAG G . -45.54 34.83 -13.19
C1 MAN G . -46.84 32.21 -6.74
C2 MAN G . -46.61 31.45 -5.45
C3 MAN G . -47.45 32.04 -4.30
C4 MAN G . -47.38 33.57 -4.26
C5 MAN G . -47.47 34.23 -5.65
C6 MAN G . -47.24 35.76 -5.68
O2 MAN G . -45.24 31.48 -5.16
O3 MAN G . -47.11 31.56 -3.01
O4 MAN G . -48.44 34.03 -3.46
O5 MAN G . -46.56 33.58 -6.54
O6 MAN G . -46.72 36.34 -4.48
C1 MAN G . -46.80 30.14 -2.91
C2 MAN G . -46.48 29.71 -1.48
C3 MAN G . -45.83 28.31 -1.55
C4 MAN G . -46.43 27.37 -2.61
C5 MAN G . -47.03 28.06 -3.84
C6 MAN G . -47.93 27.16 -4.71
O2 MAN G . -47.62 29.70 -0.64
O3 MAN G . -45.91 27.68 -0.30
O4 MAN G . -45.41 26.50 -3.06
O5 MAN G . -47.73 29.24 -3.46
O6 MAN G . -48.79 26.37 -3.93
C1 NAG H . 28.93 -19.20 -33.76
C2 NAG H . 29.80 -19.02 -35.00
C3 NAG H . 29.25 -19.77 -36.20
C4 NAG H . 28.93 -21.23 -35.84
C5 NAG H . 28.04 -21.28 -34.59
C6 NAG H . 27.79 -22.70 -34.12
C7 NAG H . 31.06 -16.92 -35.14
C8 NAG H . 31.01 -15.46 -35.49
N2 NAG H . 29.92 -17.60 -35.30
O3 NAG H . 30.22 -19.76 -37.23
O4 NAG H . 28.32 -21.88 -36.95
O5 NAG H . 28.67 -20.58 -33.53
O6 NAG H . 28.90 -23.19 -33.40
O7 NAG H . 32.10 -17.42 -34.71
C1 MLI I . 48.68 -11.82 -20.74
C2 MLI I . 49.46 -11.96 -19.42
C3 MLI I . 47.16 -11.97 -20.69
O6 MLI I . 49.10 -12.80 -18.56
O7 MLI I . 50.47 -11.24 -19.23
O8 MLI I . 46.64 -13.11 -20.52
O9 MLI I . 46.43 -10.97 -20.84
C1 NAG J . -37.77 8.20 17.23
C2 NAG J . -38.64 7.15 17.94
C3 NAG J . -40.10 7.18 17.45
C4 NAG J . -40.65 8.59 17.20
C5 NAG J . -39.61 9.46 16.48
C6 NAG J . -40.05 10.91 16.30
C7 NAG J . -37.88 4.93 18.72
C8 NAG J . -37.32 3.60 18.30
N2 NAG J . -38.10 5.81 17.73
O3 NAG J . -40.94 6.53 18.38
O4 NAG J . -41.84 8.51 16.45
O5 NAG J . -38.44 9.44 17.28
O6 NAG J . -38.96 11.64 15.77
O7 NAG J . -38.10 5.17 19.91
C1 NAG K . -3.09 34.93 3.60
C2 NAG K . -2.85 34.52 2.13
C3 NAG K . -1.94 35.49 1.38
C4 NAG K . -2.22 36.97 1.71
C5 NAG K . -2.33 37.17 3.23
C6 NAG K . -2.66 38.61 3.60
C7 NAG K . -2.49 32.32 1.00
C8 NAG K . -1.85 30.97 1.10
N2 NAG K . -2.32 33.16 2.04
O3 NAG K . -2.08 35.29 -0.01
O4 NAG K . -1.21 37.79 1.18
O5 NAG K . -3.35 36.32 3.74
O6 NAG K . -2.52 38.76 5.00
O7 NAG K . -3.13 32.61 -0.01
#